data_4RBZ
# 
_entry.id   4RBZ 
# 
_audit_conform.dict_name       mmcif_pdbx.dic 
_audit_conform.dict_version    5.379 
_audit_conform.dict_location   http://mmcif.pdb.org/dictionaries/ascii/mmcif_pdbx.dic 
# 
loop_
_database_2.database_id 
_database_2.database_code 
_database_2.pdbx_database_accession 
_database_2.pdbx_DOI 
PDB   4RBZ         pdb_00004rbz 10.2210/pdb4rbz/pdb 
NDB   NA3176       ?            ?                   
RCSB  RCSB087156   ?            ?                   
WWPDB D_1000087156 ?            ?                   
# 
loop_
_pdbx_database_related.db_name 
_pdbx_database_related.db_id 
_pdbx_database_related.details 
_pdbx_database_related.content_type 
PDB 4RBY . unspecified 
PDB 4RC0 . unspecified 
# 
_pdbx_database_status.status_code                     REL 
_pdbx_database_status.entry_id                        4RBZ 
_pdbx_database_status.recvd_initial_deposition_date   2014-09-13 
_pdbx_database_status.deposit_site                    RCSB 
_pdbx_database_status.process_site                    RCSB 
_pdbx_database_status.status_code_sf                  REL 
_pdbx_database_status.status_code_mr                  ? 
_pdbx_database_status.SG_entry                        ? 
_pdbx_database_status.status_code_cs                  ? 
_pdbx_database_status.methods_development_category    ? 
_pdbx_database_status.pdb_format_compatible           Y 
_pdbx_database_status.status_code_nmr_data            ? 
# 
loop_
_audit_author.name 
_audit_author.pdbx_ordinal 
'Pallan, P.S.' 1 
'Egli, M.'     2 
# 
_citation.id                        primary 
_citation.title                     'Crystal Structure, Stability and siRNA Activity of Phosphorodithioate-Modified RNAs' 
_citation.journal_abbrev            'To be Published' 
_citation.journal_volume            ? 
_citation.page_first                ? 
_citation.page_last                 ? 
_citation.year                      ? 
_citation.journal_id_ASTM           ? 
_citation.country                   ? 
_citation.journal_id_ISSN           ? 
_citation.journal_id_CSD            0353 
_citation.book_publisher            ? 
_citation.pdbx_database_id_PubMed   ? 
_citation.pdbx_database_id_DOI      ? 
# 
loop_
_citation_author.citation_id 
_citation_author.name 
_citation_author.ordinal 
_citation_author.identifier_ORCID 
primary 'Pallan, P.S.'    1 ? 
primary 'Yang, X.'        2 ? 
primary 'Sierant, M.'     3 ? 
primary 'Abeydeera, N.D.' 4 ? 
primary 'Hassell, T.'     5 ? 
primary 'Martinez, C.'    6 ? 
primary 'Janicka, M.'     7 ? 
primary 'Nawrot, B.'      8 ? 
primary 'Egli, M.'        9 ? 
# 
_cell.entry_id           4RBZ 
_cell.length_a           41.177 
_cell.length_b           35.052 
_cell.length_c           31.858 
_cell.angle_alpha        90.00 
_cell.angle_beta         128.66 
_cell.angle_gamma        90.00 
_cell.Z_PDB              4 
_cell.pdbx_unique_axis   ? 
_cell.length_a_esd       ? 
_cell.length_b_esd       ? 
_cell.length_c_esd       ? 
_cell.angle_alpha_esd    ? 
_cell.angle_beta_esd     ? 
_cell.angle_gamma_esd    ? 
# 
_symmetry.entry_id                         4RBZ 
_symmetry.space_group_name_H-M             'C 1 2 1' 
_symmetry.pdbx_full_space_group_name_H-M   ? 
_symmetry.cell_setting                     ? 
_symmetry.Int_Tables_number                5 
_symmetry.space_group_name_Hall            ? 
# 
loop_
_entity.id 
_entity.type 
_entity.src_method 
_entity.pdbx_description 
_entity.formula_weight 
_entity.pdbx_number_of_molecules 
_entity.pdbx_ec 
_entity.pdbx_mutation 
_entity.pdbx_fragment 
_entity.details 
1 polymer syn "5'-R(*CP*GP*CP*GP*(A2M)P*(ADS)P*UP*UP*AP*GP*CP*G)-3'" 3897.518 1  ? ? ? 'Adenosine phosphorodithioate RNA' 
2 water   nat water                                                  18.015   82 ? ? ? ?                                  
# 
_entity_poly.entity_id                      1 
_entity_poly.type                           polyribonucleotide 
_entity_poly.nstd_linkage                   no 
_entity_poly.nstd_monomer                   yes 
_entity_poly.pdbx_seq_one_letter_code       'CGCG(A2M)(ADS)UUAGCG' 
_entity_poly.pdbx_seq_one_letter_code_can   CGCGAXUUAGCG 
_entity_poly.pdbx_strand_id                 A 
_entity_poly.pdbx_target_identifier         ? 
# 
loop_
_entity_poly_seq.entity_id 
_entity_poly_seq.num 
_entity_poly_seq.mon_id 
_entity_poly_seq.hetero 
1 1  C   n 
1 2  G   n 
1 3  C   n 
1 4  G   n 
1 5  A2M n 
1 6  ADS n 
1 7  U   n 
1 8  U   n 
1 9  A   n 
1 10 G   n 
1 11 C   n 
1 12 G   n 
# 
_pdbx_entity_src_syn.entity_id              1 
_pdbx_entity_src_syn.pdbx_src_id            1 
_pdbx_entity_src_syn.pdbx_alt_source_flag   sample 
_pdbx_entity_src_syn.pdbx_beg_seq_num       ? 
_pdbx_entity_src_syn.pdbx_end_seq_num       ? 
_pdbx_entity_src_syn.organism_scientific    'synthetic construct' 
_pdbx_entity_src_syn.organism_common_name   ? 
_pdbx_entity_src_syn.ncbi_taxonomy_id       32630 
_pdbx_entity_src_syn.details                ? 
# 
_struct_ref.id                         1 
_struct_ref.db_name                    PDB 
_struct_ref.db_code                    4RBZ 
_struct_ref.pdbx_db_accession          4RBZ 
_struct_ref.entity_id                  1 
_struct_ref.pdbx_align_begin           1 
_struct_ref.pdbx_seq_one_letter_code   'CGCG(A2M)(ADS)UUAGCG' 
_struct_ref.pdbx_db_isoform            ? 
# 
_struct_ref_seq.align_id                      1 
_struct_ref_seq.ref_id                        1 
_struct_ref_seq.pdbx_PDB_id_code              4RBZ 
_struct_ref_seq.pdbx_strand_id                A 
_struct_ref_seq.seq_align_beg                 1 
_struct_ref_seq.pdbx_seq_align_beg_ins_code   ? 
_struct_ref_seq.seq_align_end                 12 
_struct_ref_seq.pdbx_seq_align_end_ins_code   ? 
_struct_ref_seq.pdbx_db_accession             4RBZ 
_struct_ref_seq.db_align_beg                  101 
_struct_ref_seq.pdbx_db_align_beg_ins_code    ? 
_struct_ref_seq.db_align_end                  112 
_struct_ref_seq.pdbx_db_align_end_ins_code    ? 
_struct_ref_seq.pdbx_auth_seq_align_beg       101 
_struct_ref_seq.pdbx_auth_seq_align_end       112 
# 
loop_
_chem_comp.id 
_chem_comp.type 
_chem_comp.mon_nstd_flag 
_chem_comp.name 
_chem_comp.pdbx_synonyms 
_chem_comp.formula 
_chem_comp.formula_weight 
A   'RNA linking' y "ADENOSINE-5'-MONOPHOSPHATE"                     ? 'C10 H14 N5 O7 P'    347.221 
A2M 'RNA linking' n 
;2'-O-methyladenosine 5'-(dihydrogen phosphate)
;
? 'C11 H16 N5 O7 P'    361.248 
ADS non-polymer   . "ADENOSINE-5'-(DITHIO)PHOSPHATE"                 ? 'C10 H14 N5 O5 P S2' 379.352 
C   'RNA linking' y "CYTIDINE-5'-MONOPHOSPHATE"                      ? 'C9 H14 N3 O8 P'     323.197 
G   'RNA linking' y "GUANOSINE-5'-MONOPHOSPHATE"                     ? 'C10 H14 N5 O8 P'    363.221 
HOH non-polymer   . WATER                                            ? 'H2 O'               18.015  
U   'RNA linking' y "URIDINE-5'-MONOPHOSPHATE"                       ? 'C9 H13 N2 O9 P'     324.181 
# 
_exptl.entry_id          4RBZ 
_exptl.method            'X-RAY DIFFRACTION' 
_exptl.crystals_number   1 
# 
_exptl_crystal.id                    1 
_exptl_crystal.density_meas          ? 
_exptl_crystal.density_Matthews      2.30 
_exptl_crystal.density_percent_sol   46.59 
_exptl_crystal.description           ? 
_exptl_crystal.F_000                 ? 
_exptl_crystal.preparation           ? 
# 
_exptl_crystal_grow.crystal_id      1 
_exptl_crystal_grow.method          'VAPOR DIFFUSION, HANGING DROP' 
_exptl_crystal_grow.temp            291 
_exptl_crystal_grow.temp_details    ? 
_exptl_crystal_grow.pH              7.0 
_exptl_crystal_grow.pdbx_details    
;20 mM sodium cacodylate, 40 mM potassium chloride, 6 mM spermine tetrahydrochloride, 5% v/v MPD, pH 7.0, VAPOR DIFFUSION, HANGING DROP, temperature 291K
;
_exptl_crystal_grow.pdbx_pH_range   ? 
# 
_diffrn.id                     1 
_diffrn.ambient_temp           100 
_diffrn.ambient_temp_details   ? 
_diffrn.crystal_id             1 
# 
_diffrn_detector.diffrn_id              1 
_diffrn_detector.detector               CCD 
_diffrn_detector.type                   'MARMOSAIC 300 mm CCD' 
_diffrn_detector.pdbx_collection_date   2013-10-03 
_diffrn_detector.details                ? 
# 
_diffrn_radiation.diffrn_id                        1 
_diffrn_radiation.wavelength_id                    1 
_diffrn_radiation.pdbx_monochromatic_or_laue_m_l   M 
_diffrn_radiation.monochromator                    'diamond(111)' 
_diffrn_radiation.pdbx_diffrn_protocol             'SINGLE WAVELENGTH' 
_diffrn_radiation.pdbx_scattering_type             x-ray 
# 
_diffrn_radiation_wavelength.id           1 
_diffrn_radiation_wavelength.wavelength   0.97857 
_diffrn_radiation_wavelength.wt           1.0 
# 
_diffrn_source.diffrn_id                   1 
_diffrn_source.source                      SYNCHROTRON 
_diffrn_source.type                        'APS BEAMLINE 21-ID-G' 
_diffrn_source.pdbx_synchrotron_site       APS 
_diffrn_source.pdbx_synchrotron_beamline   21-ID-G 
_diffrn_source.pdbx_wavelength             ? 
_diffrn_source.pdbx_wavelength_list        0.97857 
# 
_reflns.entry_id                     4RBZ 
_reflns.observed_criterion_sigma_I   5 
_reflns.observed_criterion_sigma_F   ? 
_reflns.d_resolution_low             50 
_reflns.d_resolution_high            1.18 
_reflns.number_obs                   11706 
_reflns.number_all                   11727 
_reflns.percent_possible_obs         99.82 
_reflns.pdbx_Rmerge_I_obs            0.074 
_reflns.pdbx_Rsym_value              ? 
_reflns.pdbx_netI_over_sigmaI        45.69 
_reflns.B_iso_Wilson_estimate        ? 
_reflns.pdbx_redundancy              5.9 
_reflns.R_free_details               ? 
_reflns.limit_h_max                  ? 
_reflns.limit_h_min                  ? 
_reflns.limit_k_max                  ? 
_reflns.limit_k_min                  ? 
_reflns.limit_l_max                  ? 
_reflns.limit_l_min                  ? 
_reflns.observed_criterion_F_max     ? 
_reflns.observed_criterion_F_min     ? 
_reflns.pdbx_chi_squared             ? 
_reflns.pdbx_scaling_rejects         ? 
_reflns.pdbx_ordinal                 1 
_reflns.pdbx_diffrn_id               1 
# 
_reflns_shell.d_res_high             1.18 
_reflns_shell.d_res_low              1.22 
_reflns_shell.percent_possible_all   100 
_reflns_shell.Rmerge_I_obs           0.180 
_reflns_shell.pdbx_Rsym_value        ? 
_reflns_shell.meanI_over_sigI_obs    7.81 
_reflns_shell.pdbx_redundancy        2.90 
_reflns_shell.percent_possible_obs   ? 
_reflns_shell.number_unique_all      1159 
_reflns_shell.number_measured_all    ? 
_reflns_shell.number_measured_obs    ? 
_reflns_shell.number_unique_obs      ? 
_reflns_shell.pdbx_chi_squared       ? 
_reflns_shell.pdbx_ordinal           1 
_reflns_shell.pdbx_diffrn_id         1 
# 
_refine.entry_id                                 4RBZ 
_refine.ls_number_reflns_obs                     11706 
_refine.ls_number_reflns_all                     11727 
_refine.pdbx_ls_sigma_I                          5 
_refine.pdbx_ls_sigma_F                          ? 
_refine.pdbx_data_cutoff_high_absF               ? 
_refine.pdbx_data_cutoff_low_absF                ? 
_refine.pdbx_data_cutoff_high_rms_absF           ? 
_refine.ls_d_res_low                             50 
_refine.ls_d_res_high                            1.18 
_refine.ls_percent_reflns_obs                    ? 
_refine.ls_R_factor_obs                          ? 
_refine.ls_R_factor_all                          ? 
_refine.ls_R_factor_R_work                       0.154 
_refine.ls_R_factor_R_free                       0.190 
_refine.ls_R_factor_R_free_error                 ? 
_refine.ls_R_factor_R_free_error_details         ? 
_refine.ls_percent_reflns_R_free                 ? 
_refine.ls_number_reflns_R_free                  561 
_refine.ls_number_parameters                     ? 
_refine.ls_number_restraints                     ? 
_refine.occupancy_min                            ? 
_refine.occupancy_max                            ? 
_refine.correlation_coeff_Fo_to_Fc               ? 
_refine.correlation_coeff_Fo_to_Fc_free          ? 
_refine.B_iso_mean                               ? 
_refine.aniso_B[1][1]                            ? 
_refine.aniso_B[2][2]                            ? 
_refine.aniso_B[3][3]                            ? 
_refine.aniso_B[1][2]                            ? 
_refine.aniso_B[1][3]                            ? 
_refine.aniso_B[2][3]                            ? 
_refine.solvent_model_details                    ? 
_refine.solvent_model_param_ksol                 ? 
_refine.solvent_model_param_bsol                 ? 
_refine.pdbx_solvent_vdw_probe_radii             ? 
_refine.pdbx_solvent_ion_probe_radii             ? 
_refine.pdbx_solvent_shrinkage_radii             ? 
_refine.pdbx_ls_cross_valid_method               THROUGHOUT 
_refine.details                                  ? 
_refine.pdbx_starting_model                      'PDB ENTRY 2Q1R' 
_refine.pdbx_method_to_determine_struct          'MOLECULAR REPLACEMENT' 
_refine.pdbx_isotropic_thermal_model             ? 
_refine.pdbx_stereochemistry_target_values       'Engh & Huber' 
_refine.pdbx_stereochem_target_val_spec_case     ? 
_refine.pdbx_R_Free_selection_details            RANDOM 
_refine.pdbx_overall_ESU_R                       ? 
_refine.pdbx_overall_ESU_R_Free                  ? 
_refine.overall_SU_ML                            ? 
_refine.pdbx_overall_phase_error                 ? 
_refine.overall_SU_B                             ? 
_refine.overall_SU_R_Cruickshank_DPI             ? 
_refine.ls_redundancy_reflns_obs                 ? 
_refine.B_iso_min                                ? 
_refine.B_iso_max                                ? 
_refine.overall_SU_R_free                        ? 
_refine.ls_wR_factor_R_free                      ? 
_refine.ls_wR_factor_R_work                      ? 
_refine.overall_FOM_free_R_set                   ? 
_refine.overall_FOM_work_R_set                   ? 
_refine.pdbx_diffrn_id                           1 
_refine.pdbx_refine_id                           'X-RAY DIFFRACTION' 
_refine.pdbx_TLS_residual_ADP_flag               ? 
_refine.pdbx_overall_SU_R_free_Cruickshank_DPI   ? 
_refine.pdbx_overall_SU_R_Blow_DPI               ? 
_refine.pdbx_overall_SU_R_free_Blow_DPI          ? 
# 
_refine_hist.pdbx_refine_id                   'X-RAY DIFFRACTION' 
_refine_hist.cycle_id                         LAST 
_refine_hist.pdbx_number_atoms_protein        0 
_refine_hist.pdbx_number_atoms_nucleic_acid   256 
_refine_hist.pdbx_number_atoms_ligand         0 
_refine_hist.number_atoms_solvent             82 
_refine_hist.number_atoms_total               338 
_refine_hist.d_res_high                       1.18 
_refine_hist.d_res_low                        50 
# 
loop_
_refine_ls_restr.type 
_refine_ls_restr.dev_ideal 
_refine_ls_restr.dev_ideal_target 
_refine_ls_restr.weight 
_refine_ls_restr.number 
_refine_ls_restr.pdbx_restraint_function 
_refine_ls_restr.pdbx_refine_id 
s_bond_d  0.010 ? ? ? ? 'X-RAY DIFFRACTION' 
s_angle_d 0.028 ? ? ? ? 'X-RAY DIFFRACTION' 
# 
_pdbx_refine.entry_id                                    4RBZ 
_pdbx_refine.pdbx_refine_id                              'X-RAY DIFFRACTION' 
_pdbx_refine.R_factor_obs_no_cutoff                      0.154 
_pdbx_refine.free_R_factor_no_cutoff                     0.190 
_pdbx_refine.R_factor_all_no_cutoff                      ? 
_pdbx_refine.free_R_error_no_cutoff                      ? 
_pdbx_refine.free_R_val_test_set_size_perc_no_cutoff     ? 
_pdbx_refine.free_R_val_test_set_ct_no_cutoff            ? 
_pdbx_refine.R_factor_all_4sig_cutoff                    ? 
_pdbx_refine.R_factor_obs_4sig_cutoff                    ? 
_pdbx_refine.free_R_factor_4sig_cutoff                   ? 
_pdbx_refine.free_R_val_test_set_size_perc_4sig_cutoff   ? 
_pdbx_refine.free_R_val_test_set_ct_4sig_cutoff          ? 
_pdbx_refine.number_reflns_obs_4sig_cutoff               ? 
# 
_struct.entry_id                  4RBZ 
_struct.title                     'X-ray structure of RNA containing adenosine phosphorodithioate' 
_struct.pdbx_model_details        ? 
_struct.pdbx_CASP_flag            ? 
_struct.pdbx_model_type_details   ? 
# 
_struct_keywords.entry_id        4RBZ 
_struct_keywords.pdbx_keywords   RNA 
_struct_keywords.text            
'phosphorodithioate RNA, adenosine phosphorodithioate, phosphorothioate, adenosine analogue, hydrophobic, backbone, RNA' 
# 
loop_
_struct_asym.id 
_struct_asym.pdbx_blank_PDB_chainid_flag 
_struct_asym.pdbx_modified 
_struct_asym.entity_id 
_struct_asym.details 
A N N 1 ? 
B N N 2 ? 
# 
_struct_biol.id        1 
_struct_biol.details   ? 
# 
loop_
_struct_conn.id 
_struct_conn.conn_type_id 
_struct_conn.pdbx_leaving_atom_flag 
_struct_conn.pdbx_PDB_id 
_struct_conn.ptnr1_label_asym_id 
_struct_conn.ptnr1_label_comp_id 
_struct_conn.ptnr1_label_seq_id 
_struct_conn.ptnr1_label_atom_id 
_struct_conn.pdbx_ptnr1_label_alt_id 
_struct_conn.pdbx_ptnr1_PDB_ins_code 
_struct_conn.pdbx_ptnr1_standard_comp_id 
_struct_conn.ptnr1_symmetry 
_struct_conn.ptnr2_label_asym_id 
_struct_conn.ptnr2_label_comp_id 
_struct_conn.ptnr2_label_seq_id 
_struct_conn.ptnr2_label_atom_id 
_struct_conn.pdbx_ptnr2_label_alt_id 
_struct_conn.pdbx_ptnr2_PDB_ins_code 
_struct_conn.ptnr1_auth_asym_id 
_struct_conn.ptnr1_auth_comp_id 
_struct_conn.ptnr1_auth_seq_id 
_struct_conn.ptnr2_auth_asym_id 
_struct_conn.ptnr2_auth_comp_id 
_struct_conn.ptnr2_auth_seq_id 
_struct_conn.ptnr2_symmetry 
_struct_conn.pdbx_ptnr3_label_atom_id 
_struct_conn.pdbx_ptnr3_label_seq_id 
_struct_conn.pdbx_ptnr3_label_comp_id 
_struct_conn.pdbx_ptnr3_label_asym_id 
_struct_conn.pdbx_ptnr3_label_alt_id 
_struct_conn.pdbx_ptnr3_PDB_ins_code 
_struct_conn.details 
_struct_conn.pdbx_dist_value 
_struct_conn.pdbx_value_order 
_struct_conn.pdbx_role 
covale1  covale both ? A G   4  "O3'" ? ? ? 1_555 A A2M 5  P  ? ? A G   104 A A2M 105 1_555 ? ? ? ? ? ? ?            1.600 ? ? 
covale2  covale none ? A A2M 5  "O3'" ? ? ? 1_555 A ADS 6  P  ? ? A A2M 105 A ADS 106 1_555 ? ? ? ? ? ? ?            1.596 ? ? 
covale3  covale one  ? A ADS 6  "O3'" ? ? ? 1_555 A U   7  P  ? ? A ADS 106 A U   107 1_555 ? ? ? ? ? ? ?            1.593 ? ? 
hydrog1  hydrog ?    ? A C   1  N3    ? ? ? 1_555 A G   12 N1 ? ? A C   101 A G   112 2_656 ? ? ? ? ? ? WATSON-CRICK ?     ? ? 
hydrog2  hydrog ?    ? A C   1  N4    ? ? ? 1_555 A G   12 O6 ? ? A C   101 A G   112 2_656 ? ? ? ? ? ? WATSON-CRICK ?     ? ? 
hydrog3  hydrog ?    ? A C   1  O2    ? ? ? 1_555 A G   12 N2 ? ? A C   101 A G   112 2_656 ? ? ? ? ? ? WATSON-CRICK ?     ? ? 
hydrog4  hydrog ?    ? A G   2  N1    ? ? ? 1_555 A C   11 N3 ? ? A G   102 A C   111 2_656 ? ? ? ? ? ? WATSON-CRICK ?     ? ? 
hydrog5  hydrog ?    ? A G   2  N2    ? ? ? 1_555 A C   11 O2 ? ? A G   102 A C   111 2_656 ? ? ? ? ? ? WATSON-CRICK ?     ? ? 
hydrog6  hydrog ?    ? A G   2  O6    ? ? ? 1_555 A C   11 N4 ? ? A G   102 A C   111 2_656 ? ? ? ? ? ? WATSON-CRICK ?     ? ? 
hydrog7  hydrog ?    ? A C   3  N3    ? ? ? 1_555 A G   10 N1 ? ? A C   103 A G   110 2_656 ? ? ? ? ? ? WATSON-CRICK ?     ? ? 
hydrog8  hydrog ?    ? A C   3  N4    ? ? ? 1_555 A G   10 O6 ? ? A C   103 A G   110 2_656 ? ? ? ? ? ? WATSON-CRICK ?     ? ? 
hydrog9  hydrog ?    ? A C   3  O2    ? ? ? 1_555 A G   10 N2 ? ? A C   103 A G   110 2_656 ? ? ? ? ? ? WATSON-CRICK ?     ? ? 
hydrog10 hydrog ?    ? A G   4  N1    ? ? ? 1_555 A A   9  N1 A ? A G   104 A A   109 2_656 ? ? ? ? ? ? TYPE_8_PAIR  ?     ? ? 
hydrog11 hydrog ?    ? A G   4  O6    ? ? ? 1_555 A A   9  N6 A ? A G   104 A A   109 2_656 ? ? ? ? ? ? TYPE_8_PAIR  ?     ? ? 
hydrog12 hydrog ?    ? A A2M 5  N1    ? ? ? 1_555 A U   8  N3 A ? A A2M 105 A U   108 2_656 ? ? ? ? ? ? WATSON-CRICK ?     ? ? 
hydrog13 hydrog ?    ? A A2M 5  N6    ? ? ? 1_555 A U   8  O4 A ? A A2M 105 A U   108 2_656 ? ? ? ? ? ? WATSON-CRICK ?     ? ? 
hydrog14 hydrog ?    ? A U   8  N3    A ? ? 1_555 A A2M 5  N1 ? ? A U   108 A A2M 105 2_656 ? ? ? ? ? ? WATSON-CRICK ?     ? ? 
hydrog15 hydrog ?    ? A U   8  O4    A ? ? 1_555 A A2M 5  N6 ? ? A U   108 A A2M 105 2_656 ? ? ? ? ? ? WATSON-CRICK ?     ? ? 
hydrog16 hydrog ?    ? A A   9  N1    A ? ? 1_555 A G   4  N1 ? ? A A   109 A G   104 2_656 ? ? ? ? ? ? TYPE_8_PAIR  ?     ? ? 
hydrog17 hydrog ?    ? A A   9  N6    A ? ? 1_555 A G   4  O6 ? ? A A   109 A G   104 2_656 ? ? ? ? ? ? TYPE_8_PAIR  ?     ? ? 
hydrog18 hydrog ?    ? A G   10 N1    ? ? ? 1_555 A C   3  N3 ? ? A G   110 A C   103 2_656 ? ? ? ? ? ? WATSON-CRICK ?     ? ? 
hydrog19 hydrog ?    ? A G   10 N2    ? ? ? 1_555 A C   3  O2 ? ? A G   110 A C   103 2_656 ? ? ? ? ? ? WATSON-CRICK ?     ? ? 
hydrog20 hydrog ?    ? A G   10 O6    ? ? ? 1_555 A C   3  N4 ? ? A G   110 A C   103 2_656 ? ? ? ? ? ? WATSON-CRICK ?     ? ? 
hydrog21 hydrog ?    ? A C   11 N3    ? ? ? 1_555 A G   2  N1 ? ? A C   111 A G   102 2_656 ? ? ? ? ? ? WATSON-CRICK ?     ? ? 
hydrog22 hydrog ?    ? A C   11 N4    ? ? ? 1_555 A G   2  O6 ? ? A C   111 A G   102 2_656 ? ? ? ? ? ? WATSON-CRICK ?     ? ? 
hydrog23 hydrog ?    ? A C   11 O2    ? ? ? 1_555 A G   2  N2 ? ? A C   111 A G   102 2_656 ? ? ? ? ? ? WATSON-CRICK ?     ? ? 
hydrog24 hydrog ?    ? A G   12 N1    ? ? ? 1_555 A C   1  N3 ? ? A G   112 A C   101 2_656 ? ? ? ? ? ? WATSON-CRICK ?     ? ? 
hydrog25 hydrog ?    ? A G   12 N2    ? ? ? 1_555 A C   1  O2 ? ? A G   112 A C   101 2_656 ? ? ? ? ? ? WATSON-CRICK ?     ? ? 
hydrog26 hydrog ?    ? A G   12 O6    ? ? ? 1_555 A C   1  N4 ? ? A G   112 A C   101 2_656 ? ? ? ? ? ? WATSON-CRICK ?     ? ? 
# 
loop_
_struct_conn_type.id 
_struct_conn_type.criteria 
_struct_conn_type.reference 
covale ? ? 
hydrog ? ? 
# 
_atom_sites.entry_id                    4RBZ 
_atom_sites.fract_transf_matrix[1][1]   -0.01464682 
_atom_sites.fract_transf_matrix[1][2]   0.01070494 
_atom_sites.fract_transf_matrix[1][3]   -0.02526031 
_atom_sites.fract_transf_matrix[2][1]   -0.00912936 
_atom_sites.fract_transf_matrix[2][2]   -0.02638018 
_atom_sites.fract_transf_matrix[2][3]   -0.00588600 
_atom_sites.fract_transf_matrix[3][1]   -0.03763068 
_atom_sites.fract_transf_matrix[3][2]   0.01375223 
_atom_sites.fract_transf_matrix[3][3]   -0.00326917 
_atom_sites.fract_transf_vector[1]      0.408278 
_atom_sites.fract_transf_vector[2]      -0.000236 
_atom_sites.fract_transf_vector[3]      0.445211 
# 
loop_
_atom_type.symbol 
C 
N 
O 
P 
S 
# 
loop_
_atom_site.group_PDB 
_atom_site.id 
_atom_site.type_symbol 
_atom_site.label_atom_id 
_atom_site.label_alt_id 
_atom_site.label_comp_id 
_atom_site.label_asym_id 
_atom_site.label_entity_id 
_atom_site.label_seq_id 
_atom_site.pdbx_PDB_ins_code 
_atom_site.Cartn_x 
_atom_site.Cartn_y 
_atom_site.Cartn_z 
_atom_site.occupancy 
_atom_site.B_iso_or_equiv 
_atom_site.pdbx_formal_charge 
_atom_site.auth_seq_id 
_atom_site.auth_comp_id 
_atom_site.auth_asym_id 
_atom_site.auth_atom_id 
_atom_site.pdbx_PDB_model_num 
ATOM   1   O "O5'" A C   A 1 1  ? -14.060 3.341   -7.772  0.60 20.39 ? 101 C   A "O5'" 1 
ATOM   2   O "O5'" B C   A 1 1  ? -16.474 2.876   -7.511  0.40 13.14 ? 101 C   A "O5'" 1 
ATOM   3   C "C5'" . C   A 1 1  ? -15.138 2.391   -7.724  1.00 15.72 ? 101 C   A "C5'" 1 
ATOM   4   C "C4'" . C   A 1 1  ? -15.084 1.485   -8.908  1.00 13.20 ? 101 C   A "C4'" 1 
ATOM   5   O "O4'" . C   A 1 1  ? -15.175 2.216   -10.161 1.00 12.30 ? 101 C   A "O4'" 1 
ATOM   6   C "C3'" . C   A 1 1  ? -13.764 0.721   -9.056  1.00 12.39 ? 101 C   A "C3'" 1 
ATOM   7   O "O3'" . C   A 1 1  ? -13.728 -0.339  -8.128  1.00 13.41 ? 101 C   A "O3'" 1 
ATOM   8   C "C2'" . C   A 1 1  ? -13.807 0.317   -10.517 1.00 12.11 ? 101 C   A "C2'" 1 
ATOM   9   O "O2'" . C   A 1 1  ? -14.759 -0.729  -10.723 1.00 13.75 ? 101 C   A "O2'" 1 
ATOM   10  C "C1'" . C   A 1 1  ? -14.367 1.586   -11.130 1.00 11.53 ? 101 C   A "C1'" 1 
ATOM   11  N N1    . C   A 1 1  ? -13.321 2.583   -11.559 1.00 10.81 ? 101 C   A N1    1 
ATOM   12  C C2    . C   A 1 1  ? -12.596 2.284   -12.731 1.00 10.73 ? 101 C   A C2    1 
ATOM   13  O O2    . C   A 1 1  ? -12.877 1.234   -13.314 1.00 11.22 ? 101 C   A O2    1 
ATOM   14  N N3    . C   A 1 1  ? -11.647 3.137   -13.177 1.00 10.05 ? 101 C   A N3    1 
ATOM   15  C C4    . C   A 1 1  ? -11.407 4.267   -12.476 1.00 9.87  ? 101 C   A C4    1 
ATOM   16  N N4    . C   A 1 1  ? -10.449 5.083   -12.950 1.00 10.61 ? 101 C   A N4    1 
ATOM   17  C C5    . C   A 1 1  ? -12.123 4.575   -11.288 1.00 11.09 ? 101 C   A C5    1 
ATOM   18  C C6    . C   A 1 1  ? -13.056 3.720   -10.880 1.00 11.08 ? 101 C   A C6    1 
ATOM   19  P P     . G   A 1 2  ? -12.336 -0.937  -7.601  1.00 15.06 ? 102 G   A P     1 
ATOM   20  O OP1   . G   A 1 2  ? -12.645 -1.992  -6.593  1.00 17.20 ? 102 G   A OP1   1 
ATOM   21  O OP2   . G   A 1 2  ? -11.450 0.174   -7.205  1.00 16.77 ? 102 G   A OP2   1 
ATOM   22  O "O5'" . G   A 1 2  ? -11.670 -1.641  -8.849  1.00 14.17 ? 102 G   A "O5'" 1 
ATOM   23  C "C5'" . G   A 1 2  ? -12.237 -2.860  -9.382  1.00 14.37 ? 102 G   A "C5'" 1 
ATOM   24  C "C4'" . G   A 1 2  ? -11.411 -3.231  -10.585 1.00 14.09 ? 102 G   A "C4'" 1 
ATOM   25  O "O4'" . G   A 1 2  ? -11.460 -2.200  -11.598 1.00 14.02 ? 102 G   A "O4'" 1 
ATOM   26  C "C3'" . G   A 1 2  ? -9.918  -3.376  -10.308 1.00 13.88 ? 102 G   A "C3'" 1 
ATOM   27  O "O3'" . G   A 1 2  ? -9.635  -4.606  -9.663  1.00 14.63 ? 102 G   A "O3'" 1 
ATOM   28  C "C2'" . G   A 1 2  ? -9.324  -3.277  -11.692 1.00 14.76 ? 102 G   A "C2'" 1 
ATOM   29  O "O2'" . G   A 1 2  ? -9.625  -4.430  -12.485 1.00 16.52 ? 102 G   A "O2'" 1 
ATOM   30  C "C1'" . G   A 1 2  ? -10.171 -2.169  -12.254 1.00 13.66 ? 102 G   A "C1'" 1 
ATOM   31  N N9    . G   A 1 2  ? -9.709  -0.754  -12.082 1.00 11.84 ? 102 G   A N9    1 
ATOM   32  C C8    . G   A 1 2  ? -10.168 0.203   -11.210 1.00 12.33 ? 102 G   A C8    1 
ATOM   33  N N7    . G   A 1 2  ? -9.505  1.325   -11.367 1.00 12.45 ? 102 G   A N7    1 
ATOM   34  C C5    . G   A 1 2  ? -8.595  1.077   -12.369 1.00 11.39 ? 102 G   A C5    1 
ATOM   35  C C6    . G   A 1 2  ? -7.618  1.903   -12.968 1.00 11.19 ? 102 G   A C6    1 
ATOM   36  O O6    . G   A 1 2  ? -7.358  3.087   -12.704 1.00 12.00 ? 102 G   A O6    1 
ATOM   37  N N1    . G   A 1 2  ? -6.885  1.254   -13.966 1.00 11.40 ? 102 G   A N1    1 
ATOM   38  C C2    . G   A 1 2  ? -7.089  -0.067  -14.346 1.00 10.78 ? 102 G   A C2    1 
ATOM   39  N N2    . G   A 1 2  ? -6.290  -0.509  -15.322 1.00 12.99 ? 102 G   A N2    1 
ATOM   40  N N3    . G   A 1 2  ? -7.997  -0.851  -13.802 1.00 11.54 ? 102 G   A N3    1 
ATOM   41  C C4    . G   A 1 2  ? -8.714  -0.223  -12.826 1.00 11.35 ? 102 G   A C4    1 
ATOM   42  P P     . C   A 1 3  ? -8.343  -4.677  -8.704  1.00 14.08 ? 103 C   A P     1 
ATOM   43  O OP1   . C   A 1 3  ? -8.432  -6.033  -8.122  1.00 15.87 ? 103 C   A OP1   1 
ATOM   44  O OP2   . C   A 1 3  ? -8.208  -3.456  -7.862  1.00 15.04 ? 103 C   A OP2   1 
ATOM   45  O "O5'" . C   A 1 3  ? -7.112  -4.644  -9.713  1.00 13.06 ? 103 C   A "O5'" 1 
ATOM   46  C "C5'" . C   A 1 3  ? -6.873  -5.719  -10.648 1.00 13.44 ? 103 C   A "C5'" 1 
ATOM   47  C "C4'" . C   A 1 3  ? -5.701  -5.388  -11.518 1.00 12.27 ? 103 C   A "C4'" 1 
ATOM   48  O "O4'" . C   A 1 3  ? -5.986  -4.207  -12.318 1.00 12.44 ? 103 C   A "O4'" 1 
ATOM   49  C "C3'" . C   A 1 3  ? -4.406  -4.997  -10.821 1.00 11.22 ? 103 C   A "C3'" 1 
ATOM   50  O "O3'" . C   A 1 3  ? -3.730  -6.137  -10.332 1.00 11.84 ? 103 C   A "O3'" 1 
ATOM   51  C "C2'" . C   A 1 3  ? -3.632  -4.291  -11.919 1.00 10.72 ? 103 C   A "C2'" 1 
ATOM   52  O "O2'" . C   A 1 3  ? -3.224  -5.151  -12.964 1.00 12.01 ? 103 C   A "O2'" 1 
ATOM   53  C "C1'" . C   A 1 3  ? -4.759  -3.476  -12.510 1.00 11.37 ? 103 C   A "C1'" 1 
ATOM   54  N N1    . C   A 1 3  ? -4.981  -2.116  -11.927 1.00 11.15 ? 103 C   A N1    1 
ATOM   55  C C2    . C   A 1 3  ? -4.187  -1.076  -12.393 1.00 10.94 ? 103 C   A C2    1 
ATOM   56  O O2    . C   A 1 3  ? -3.321  -1.317  -13.267 1.00 11.19 ? 103 C   A O2    1 
ATOM   57  N N3    . C   A 1 3  ? -4.348  0.171   -11.926 1.00 10.04 ? 103 C   A N3    1 
ATOM   58  C C4    . C   A 1 3  ? -5.281  0.383   -10.988 1.00 10.58 ? 103 C   A C4    1 
ATOM   59  N N4    . C   A 1 3  ? -5.414  1.623   -10.536 1.00 10.99 ? 103 C   A N4    1 
ATOM   60  C C5    . C   A 1 3  ? -6.113  -0.639  -10.473 1.00 10.98 ? 103 C   A C5    1 
ATOM   61  C C6    . C   A 1 3  ? -5.950  -1.895  -10.970 1.00 11.67 ? 103 C   A C6    1 
ATOM   62  P P     . G   A 1 4  ? -3.231  -6.286  -8.826  1.00 12.25 ? 104 G   A P     1 
ATOM   63  O OP1   . G   A 1 4  ? -3.254  -7.733  -8.532  1.00 15.28 ? 104 G   A OP1   1 
ATOM   64  O OP2   . G   A 1 4  ? -3.970  -5.355  -7.926  1.00 13.36 ? 104 G   A OP2   1 
ATOM   65  O "O5'" . G   A 1 4  ? -1.719  -5.762  -8.826  1.00 11.70 ? 104 G   A "O5'" 1 
ATOM   66  C "C5'" . G   A 1 4  ? -0.714  -6.563  -9.485  1.00 11.28 ? 104 G   A "C5'" 1 
ATOM   67  C "C4'" . G   A 1 4  ? 0.302   -5.688  -10.163 1.00 11.10 ? 104 G   A "C4'" 1 
ATOM   68  O "O4'" . G   A 1 4  ? -0.381  -4.806  -11.110 1.00 11.79 ? 104 G   A "O4'" 1 
ATOM   69  C "C3'" . G   A 1 4  ? 1.101   -4.701  -9.320  1.00 10.50 ? 104 G   A "C3'" 1 
ATOM   70  O "O3'" . G   A 1 4  ? 2.121   -5.362  -8.608  1.00 11.39 ? 104 G   A "O3'" 1 
ATOM   71  C "C2'" . G   A 1 4  ? 1.616   -3.731  -10.377 1.00 10.84 ? 104 G   A "C2'" 1 
ATOM   72  O "O2'" . G   A 1 4  ? 2.579   -4.434  -11.176 1.00 11.81 ? 104 G   A "O2'" 1 
ATOM   73  C "C1'" . G   A 1 4  ? 0.312   -3.584  -11.193 1.00 10.39 ? 104 G   A "C1'" 1 
ATOM   74  N N9    . G   A 1 4  ? -0.515  -2.507  -10.652 1.00 10.44 ? 104 G   A N9    1 
ATOM   75  C C8    . G   A 1 4  ? -1.644  -2.608  -9.876  1.00 10.27 ? 104 G   A C8    1 
ATOM   76  N N7    . G   A 1 4  ? -2.124  -1.424  -9.571  1.00 10.83 ? 104 G   A N7    1 
ATOM   77  C C5    . G   A 1 4  ? -1.262  -0.531  -10.179 1.00 10.18 ? 104 G   A C5    1 
ATOM   78  C C6    . G   A 1 4  ? -1.288  0.891   -10.187 1.00 9.68  ? 104 G   A C6    1 
ATOM   79  O O6    . G   A 1 4  ? -2.103  1.656   -9.642  1.00 10.40 ? 104 G   A O6    1 
ATOM   80  N N1    . G   A 1 4  ? -0.217  1.421   -10.925 1.00 10.74 ? 104 G   A N1    1 
ATOM   81  C C2    . G   A 1 4  ? 0.735   0.631   -11.556 1.00 10.47 ? 104 G   A C2    1 
ATOM   82  N N2    . G   A 1 4  ? 1.699   1.281   -12.226 1.00 13.16 ? 104 G   A N2    1 
ATOM   83  N N3    . G   A 1 4  ? 0.763   -0.694  -11.558 1.00 10.89 ? 104 G   A N3    1 
ATOM   84  C C4    . G   A 1 4  ? -0.272  -1.187  -10.841 1.00 9.59  ? 104 G   A C4    1 
HETATM 85  P P     . A2M A 1 5  ? 2.775   -4.694  -7.310  1.00 13.20 ? 105 A2M A P     1 
HETATM 86  O OP1   . A2M A 1 5  ? 3.808   -5.641  -6.807  1.00 16.49 ? 105 A2M A OP1   1 
HETATM 87  O "O5'" . A2M A 1 5  ? 3.469   -3.379  -7.848  1.00 12.53 ? 105 A2M A "O5'" 1 
HETATM 88  C "C5'" . A2M A 1 5  ? 4.634   -3.436  -8.696  1.00 13.49 ? 105 A2M A "C5'" 1 
HETATM 89  C "C4'" . A2M A 1 5  ? 5.103   -2.050  -9.005  1.00 13.92 ? 105 A2M A "C4'" 1 
HETATM 90  O "O4'" . A2M A 1 5  ? 4.070   -1.264  -9.668  1.00 14.60 ? 105 A2M A "O4'" 1 
HETATM 91  C "C3'" . A2M A 1 5  ? 5.463   -1.211  -7.780  1.00 13.66 ? 105 A2M A "C3'" 1 
HETATM 92  O "O3'" . A2M A 1 5  ? 6.719   -1.591  -7.217  1.00 14.26 ? 105 A2M A "O3'" 1 
HETATM 93  C "C2'" . A2M A 1 5  ? 5.434   0.200   -8.355  1.00 13.47 ? 105 A2M A "C2'" 1 
HETATM 94  O "O2'" . A2M A 1 5  ? 6.567   0.394   -9.156  1.00 15.38 ? 105 A2M A "O2'" 1 
HETATM 95  C "C1'" . A2M A 1 5  ? 4.183   0.105   -9.223  1.00 13.74 ? 105 A2M A "C1'" 1 
HETATM 96  C "CM'" . A2M A 1 5  ? 6.843   1.698   -9.664  1.00 16.64 ? 105 A2M A "CM'" 1 
HETATM 97  N N9    . A2M A 1 5  ? 2.892   0.416   -8.586  1.00 12.76 ? 105 A2M A N9    1 
HETATM 98  C C8    . A2M A 1 5  ? 1.941   -0.475  -8.157  1.00 13.91 ? 105 A2M A C8    1 
HETATM 99  N N7    . A2M A 1 5  ? 0.892   0.105   -7.633  1.00 13.27 ? 105 A2M A N7    1 
HETATM 100 C C5    . A2M A 1 5  ? 1.150   1.455   -7.713  1.00 11.52 ? 105 A2M A C5    1 
HETATM 101 C C6    . A2M A 1 5  ? 0.401   2.615   -7.316  1.00 11.37 ? 105 A2M A C6    1 
HETATM 102 N N6    . A2M A 1 5  ? -0.796  2.486   -6.740  1.00 12.72 ? 105 A2M A N6    1 
HETATM 103 N N1    . A2M A 1 5  ? 0.963   3.799   -7.546  1.00 12.94 ? 105 A2M A N1    1 
HETATM 104 C C2    . A2M A 1 5  ? 2.150   3.871   -8.117  1.00 13.10 ? 105 A2M A C2    1 
HETATM 105 N N3    . A2M A 1 5  ? 2.935   2.871   -8.529  1.00 13.18 ? 105 A2M A N3    1 
HETATM 106 C C4    . A2M A 1 5  ? 2.380   1.673   -8.299  1.00 11.96 ? 105 A2M A C4    1 
HETATM 107 O OP2   . A2M A 1 5  ? 1.691   -4.300  -6.379  1.00 14.54 ? 105 A2M A OP2   1 
HETATM 108 P P     . ADS A 1 6  ? 7.012   -1.596  -5.649  1.00 14.40 ? 106 ADS A P     1 
HETATM 109 S S2P   . ADS A 1 6  ? 5.446   -2.209  -4.670  1.00 15.72 ? 106 ADS A S2P   1 
HETATM 110 S S3P   . ADS A 1 6  ? 8.698   -2.490  -5.443  1.00 19.25 ? 106 ADS A S3P   1 
HETATM 111 O "O5'" . ADS A 1 6  ? 7.129   -0.053  -5.307  1.00 13.24 ? 106 ADS A "O5'" 1 
HETATM 112 C "C5'" . ADS A 1 6  ? 8.158   0.747   -5.910  1.00 13.67 ? 106 ADS A "C5'" 1 
HETATM 113 C "C4'" . ADS A 1 6  ? 7.865   2.208   -5.652  1.00 12.49 ? 106 ADS A "C4'" 1 
HETATM 114 O "O4'" . ADS A 1 6  ? 6.658   2.622   -6.338  1.00 12.13 ? 106 ADS A "O4'" 1 
HETATM 115 C "C3'" . ADS A 1 6  ? 7.588   2.602   -4.208  1.00 12.13 ? 106 ADS A "C3'" 1 
HETATM 116 O "O3'" . ADS A 1 6  ? 8.803   2.754   -3.461  1.00 12.68 ? 106 ADS A "O3'" 1 
HETATM 117 C "C2'" . ADS A 1 6  ? 6.822   3.903   -4.348  1.00 12.03 ? 106 ADS A "C2'" 1 
HETATM 118 O "O2'" . ADS A 1 6  ? 7.710   4.950   -4.727  1.00 14.60 ? 106 ADS A "O2'" 1 
HETATM 119 C "C1'" . ADS A 1 6  ? 5.951   3.560   -5.549  1.00 12.02 ? 106 ADS A "C1'" 1 
HETATM 120 N N9    . ADS A 1 6  ? 4.669   2.950   -5.161  1.00 11.47 ? 106 ADS A N9    1 
HETATM 121 C C8    . ADS A 1 6  ? 4.326   1.613   -5.082  1.00 10.71 ? 106 ADS A C8    1 
HETATM 122 N N7    . ADS A 1 6  ? 3.080   1.470   -4.697  1.00 11.26 ? 106 ADS A N7    1 
HETATM 123 C C5    . ADS A 1 6  ? 2.587   2.760   -4.520  1.00 10.30 ? 106 ADS A C5    1 
HETATM 124 C C6    . ADS A 1 6  ? 1.324   3.242   -4.121  1.00 10.86 ? 106 ADS A C6    1 
HETATM 125 N N6    . ADS A 1 6  ? 0.273   2.473   -3.809  1.00 11.80 ? 106 ADS A N6    1 
HETATM 126 N N1    . ADS A 1 6  ? 1.179   4.585   -4.050  1.00 12.02 ? 106 ADS A N1    1 
HETATM 127 C C2    . ADS A 1 6  ? 2.215   5.354   -4.357  1.00 13.37 ? 106 ADS A C2    1 
HETATM 128 N N3    . ADS A 1 6  ? 3.443   5.026   -4.744  1.00 12.10 ? 106 ADS A N3    1 
HETATM 129 C C4    . ADS A 1 6  ? 3.553   3.685   -4.805  1.00 10.83 ? 106 ADS A C4    1 
ATOM   130 P P     . U   A 1 7  ? 8.868   2.494   -1.891  1.00 12.47 ? 107 U   A P     1 
ATOM   131 O OP1   . U   A 1 7  ? 10.314  2.546   -1.494  1.00 14.87 ? 107 U   A OP1   1 
ATOM   132 O OP2   A U   A 1 7  ? 8.047   1.330   -1.488  0.65 13.65 ? 107 U   A OP2   1 
ATOM   133 O OP2   B U   A 1 7  ? 8.067   1.297   -1.536  0.35 13.06 ? 107 U   A OP2   1 
ATOM   134 O "O5'" . U   A 1 7  ? 8.098   3.739   -1.278  1.00 12.02 ? 107 U   A "O5'" 1 
ATOM   135 C "C5'" . U   A 1 7  ? 8.634   5.067   -1.411  1.00 12.12 ? 107 U   A "C5'" 1 
ATOM   136 C "C4'" . U   A 1 7  ? 7.569   6.020   -0.914  1.00 11.87 ? 107 U   A "C4'" 1 
ATOM   137 O "O4'" . U   A 1 7  ? 6.362   5.932   -1.721  1.00 12.18 ? 107 U   A "O4'" 1 
ATOM   138 C "C3'" . U   A 1 7  ? 7.022   5.778   0.488   1.00 12.07 ? 107 U   A "C3'" 1 
ATOM   139 O "O3'" . U   A 1 7  ? 7.963   6.197   1.465   1.00 12.59 ? 107 U   A "O3'" 1 
ATOM   140 C "C2'" . U   A 1 7  ? 5.729   6.575   0.473   1.00 11.82 ? 107 U   A "C2'" 1 
ATOM   141 O "O2'" . U   A 1 7  ? 6.003   7.969   0.549   1.00 12.72 ? 107 U   A "O2'" 1 
ATOM   142 C "C1'" . U   A 1 7  ? 5.213   6.191   -0.906  1.00 12.13 ? 107 U   A "C1'" 1 
ATOM   143 N N1    . U   A 1 7  ? 4.355   4.984   -0.952  1.00 11.75 ? 107 U   A N1    1 
ATOM   144 C C2    . U   A 1 7  ? 3.033   5.186   -0.623  1.00 11.01 ? 107 U   A C2    1 
ATOM   145 O O2    . U   A 1 7  ? 2.603   6.270   -0.311  1.00 13.04 ? 107 U   A O2    1 
ATOM   146 N N3    . U   A 1 7  ? 2.248   4.036   -0.676  1.00 11.51 ? 107 U   A N3    1 
ATOM   147 C C4    . U   A 1 7  ? 2.687   2.775   -1.029  1.00 10.30 ? 107 U   A C4    1 
ATOM   148 O O4    . U   A 1 7  ? 1.860   1.852   -1.028  1.00 11.19 ? 107 U   A O4    1 
ATOM   149 C C5    . U   A 1 7  ? 4.085   2.665   -1.356  1.00 11.71 ? 107 U   A C5    1 
ATOM   150 C C6    . U   A 1 7  ? 4.834   3.750   -1.304  1.00 10.84 ? 107 U   A C6    1 
ATOM   151 P P     A U   A 1 8  ? 8.108   5.356   2.832   0.65 14.49 ? 108 U   A P     1 
ATOM   152 P P     B U   A 1 8  ? 7.920   5.655   2.968   0.35 12.84 ? 108 U   A P     1 
ATOM   153 O OP1   A U   A 1 8  ? 9.349   5.834   3.478   0.65 17.34 ? 108 U   A OP1   1 
ATOM   154 O OP1   B U   A 1 8  ? 9.021   6.294   3.728   0.35 14.60 ? 108 U   A OP1   1 
ATOM   155 O OP2   A U   A 1 8  ? 7.894   3.923   2.542   0.65 15.76 ? 108 U   A OP2   1 
ATOM   156 O OP2   B U   A 1 8  ? 7.822   4.173   2.948   0.35 12.13 ? 108 U   A OP2   1 
ATOM   157 O "O5'" A U   A 1 8  ? 6.803   5.835   3.639   0.65 13.64 ? 108 U   A "O5'" 1 
ATOM   158 O "O5'" B U   A 1 8  ? 6.519   6.158   3.530   0.35 12.97 ? 108 U   A "O5'" 1 
ATOM   159 C "C5'" A U   A 1 8  ? 6.501   7.228   3.828   0.65 15.51 ? 108 U   A "C5'" 1 
ATOM   160 C "C5'" B U   A 1 8  ? 6.359   7.525   3.962   0.35 13.44 ? 108 U   A "C5'" 1 
ATOM   161 C "C4'" A U   A 1 8  ? 5.146   7.412   4.457   0.65 14.76 ? 108 U   A "C4'" 1 
ATOM   162 C "C4'" B U   A 1 8  ? 4.903   7.722   4.309   0.35 12.95 ? 108 U   A "C4'" 1 
ATOM   163 O "O4'" A U   A 1 8  ? 4.089   7.152   3.485   0.65 15.33 ? 108 U   A "O4'" 1 
ATOM   164 O "O4'" B U   A 1 8  ? 4.058   7.251   3.233   0.35 11.83 ? 108 U   A "O4'" 1 
ATOM   165 C "C3'" A U   A 1 8  ? 4.795   6.477   5.608   0.65 15.76 ? 108 U   A "C3'" 1 
ATOM   166 C "C3'" B U   A 1 8  ? 4.423   6.946   5.525   0.35 13.77 ? 108 U   A "C3'" 1 
ATOM   167 O "O3'" A U   A 1 8  ? 5.478   6.801   6.802   0.65 14.61 ? 108 U   A "O3'" 1 
ATOM   168 O "O3'" B U   A 1 8  ? 4.829   7.590   6.718   0.35 16.03 ? 108 U   A "O3'" 1 
ATOM   169 C "C2'" A U   A 1 8  ? 3.286   6.697   5.685   0.65 17.32 ? 108 U   A "C2'" 1 
ATOM   170 C "C2'" B U   A 1 8  ? 2.921   6.922   5.305   0.35 14.04 ? 108 U   A "C2'" 1 
ATOM   171 O "O2'" A U   A 1 8  ? 3.065   7.987   6.218   0.65 22.57 ? 108 U   A "O2'" 1 
ATOM   172 O "O2'" B U   A 1 8  ? 2.351   8.204   5.535   0.35 18.36 ? 108 U   A "O2'" 1 
ATOM   173 C "C1'" A U   A 1 8  ? 2.959   6.645   4.198   0.65 16.28 ? 108 U   A "C1'" 1 
ATOM   174 C "C1'" B U   A 1 8  ? 2.877   6.671   3.791   0.35 11.77 ? 108 U   A "C1'" 1 
ATOM   175 N N1    A U   A 1 8  ? 2.722   5.307   3.632   0.65 14.14 ? 108 U   A N1    1 
ATOM   176 N N1    B U   A 1 8  ? 2.862   5.260   3.342   0.35 12.61 ? 108 U   A N1    1 
ATOM   177 C C2    A U   A 1 8  ? 1.446   4.788   3.644   0.65 14.37 ? 108 U   A C2    1 
ATOM   178 C C2    B U   A 1 8  ? 1.656   4.581   3.381   0.35 12.04 ? 108 U   A C2    1 
ATOM   179 O O2    A U   A 1 8  ? 0.483   5.378   4.106   0.65 17.27 ? 108 U   A O2    1 
ATOM   180 O O2    B U   A 1 8  ? 0.633   5.117   3.774   0.35 15.75 ? 108 U   A O2    1 
ATOM   181 N N3    A U   A 1 8  ? 1.316   3.535   3.091   0.65 12.49 ? 108 U   A N3    1 
ATOM   182 N N3    B U   A 1 8  ? 1.671   3.276   2.955   0.35 12.84 ? 108 U   A N3    1 
ATOM   183 C C4    A U   A 1 8  ? 2.315   2.750   2.534   0.65 12.37 ? 108 U   A C4    1 
ATOM   184 C C4    B U   A 1 8  ? 2.766   2.563   2.490   0.35 13.15 ? 108 U   A C4    1 
ATOM   185 O O4    A U   A 1 8  ? 2.094   1.633   2.064   0.65 11.20 ? 108 U   A O4    1 
ATOM   186 O O4    B U   A 1 8  ? 2.638   1.386   2.139   0.35 17.91 ? 108 U   A O4    1 
ATOM   187 C C5    A U   A 1 8  ? 3.619   3.347   2.551   0.65 12.74 ? 108 U   A C5    1 
ATOM   188 C C5    B U   A 1 8  ? 3.984   3.315   2.472   0.35 12.94 ? 108 U   A C5    1 
ATOM   189 C C6    A U   A 1 8  ? 3.752   4.567   3.085   0.65 14.40 ? 108 U   A C6    1 
ATOM   190 C C6    B U   A 1 8  ? 3.984   4.595   2.883   0.35 12.04 ? 108 U   A C6    1 
ATOM   191 P P     A A   A 1 9  ? 6.080   5.700   7.793   0.65 16.16 ? 109 A   A P     1 
ATOM   192 P P     B A   A 1 9  ? 5.723   6.775   7.771   0.35 15.11 ? 109 A   A P     1 
ATOM   193 O OP1   A A   A 1 9  ? 7.125   6.404   8.577   0.65 22.69 ? 109 A   A OP1   1 
ATOM   194 O OP1   B A   A 1 9  ? 6.382   7.729   8.692   0.35 15.94 ? 109 A   A OP1   1 
ATOM   195 O OP2   A A   A 1 9  ? 6.436   4.456   7.061   0.65 18.27 ? 109 A   A OP2   1 
ATOM   196 O OP2   B A   A 1 9  ? 6.582   5.755   7.119   0.35 19.54 ? 109 A   A OP2   1 
ATOM   197 O "O5'" A A   A 1 9  ? 4.869   5.269   8.732   0.65 16.13 ? 109 A   A "O5'" 1 
ATOM   198 O "O5'" B A   A 1 9  ? 4.610   5.954   8.581   0.35 15.67 ? 109 A   A "O5'" 1 
ATOM   199 C "C5'" A A   A 1 9  ? 4.299   6.210   9.658   0.65 16.20 ? 109 A   A "C5'" 1 
ATOM   200 C "C5'" B A   A 1 9  ? 3.978   6.523   9.738   0.35 15.47 ? 109 A   A "C5'" 1 
ATOM   201 C "C4'" A A   A 1 9  ? 2.837   5.861   9.821   0.65 14.76 ? 109 A   A "C4'" 1 
ATOM   202 C "C4'" B A   A 1 9  ? 2.592   5.968   9.921   0.35 13.99 ? 109 A   A "C4'" 1 
ATOM   203 O "O4'" A A   A 1 9  ? 2.135   5.915   8.549   0.65 14.96 ? 109 A   A "O4'" 1 
ATOM   204 O "O4'" B A   A 1 9  ? 1.858   5.968   8.659   0.35 13.41 ? 109 A   A "O4'" 1 
ATOM   205 C "C3'" A A   A 1 9  ? 2.554   4.449   10.338  0.65 11.84 ? 109 A   A "C3'" 1 
ATOM   206 C "C3'" B A   A 1 9  ? 2.489   4.510   10.377  0.35 13.00 ? 109 A   A "C3'" 1 
ATOM   207 O "O3'" A A   A 1 9  ? 2.854   4.344   11.726  0.65 12.49 ? 109 A   A "O3'" 1 
ATOM   208 O "O3'" B A   A 1 9  ? 2.855   4.348   11.736  0.35 12.84 ? 109 A   A "O3'" 1 
ATOM   209 C "C2'" A A   A 1 9  ? 1.090   4.323   9.947   0.65 12.13 ? 109 A   A "C2'" 1 
ATOM   210 C "C2'" B A   A 1 9  ? 1.023   4.249   10.059  0.35 11.51 ? 109 A   A "C2'" 1 
ATOM   211 O "O2'" A A   A 1 9  ? 0.277   5.020   10.883  0.65 12.38 ? 109 A   A "O2'" 1 
ATOM   212 O "O2'" B A   A 1 9  ? 0.164   4.930   10.966  0.35 12.11 ? 109 A   A "O2'" 1 
ATOM   213 C "C1'" A A   A 1 9  ? 1.095   4.957   8.535   0.65 13.22 ? 109 A   A "C1'" 1 
ATOM   214 C "C1'" B A   A 1 9  ? 0.920   4.903   8.665   0.35 11.93 ? 109 A   A "C1'" 1 
ATOM   215 N N9    A A   A 1 9  ? 1.325   3.910   7.599   0.65 11.51 ? 109 A   A N9    1 
ATOM   216 N N9    B A   A 1 9  ? 1.233   3.904   7.723   0.35 12.78 ? 109 A   A N9    1 
ATOM   217 C C8    A A   A 1 9  ? 2.510   3.680   6.956   0.65 11.44 ? 109 A   A C8    1 
ATOM   218 C C8    B A   A 1 9  ? 2.416   3.696   7.063   0.35 12.41 ? 109 A   A C8    1 
ATOM   219 N N7    A A   A 1 9  ? 2.502   2.647   6.134   0.65 10.68 ? 109 A   A N7    1 
ATOM   220 N N7    B A   A 1 9  ? 2.402   2.669   6.240   0.35 11.72 ? 109 A   A N7    1 
ATOM   221 C C5    A A   A 1 9  ? 1.206   2.161   6.250   0.65 9.93  ? 109 A   A C5    1 
ATOM   222 C C5    B A   A 1 9  ? 1.111   2.170   6.377   0.35 11.11 ? 109 A   A C5    1 
ATOM   223 C C6    A A   A 1 9  ? 0.544   1.072   5.635   0.65 10.03 ? 109 A   A C6    1 
ATOM   224 C C6    B A   A 1 9  ? 0.450   1.080   5.771   0.35 10.04 ? 109 A   A C6    1 
ATOM   225 N N6    A A   A 1 9  ? 1.140   0.254   4.749   0.65 11.25 ? 109 A   A N6    1 
ATOM   226 N N6    B A   A 1 9  ? 1.021   0.265   4.875   0.35 9.18  ? 109 A   A N6    1 
ATOM   227 N N1    A A   A 1 9  ? -0.723  0.887   5.986   0.65 9.85  ? 109 A   A N1    1 
ATOM   228 N N1    B A   A 1 9  ? -0.819  0.870   6.132   0.35 9.76  ? 109 A   A N1    1 
ATOM   229 C C2    A A   A 1 9  ? -1.302  1.717   6.873   0.65 11.20 ? 109 A   A C2    1 
ATOM   230 C C2    B A   A 1 9  ? -1.405  1.681   7.031   0.35 11.53 ? 109 A   A C2    1 
ATOM   231 N N3    A A   A 1 9  ? -0.795  2.766   7.512   0.65 10.51 ? 109 A   A N3    1 
ATOM   232 N N3    B A   A 1 9  ? -0.889  2.731   7.661   0.35 12.64 ? 109 A   A N3    1 
ATOM   233 C C4    A A   A 1 9  ? 0.482   2.925   7.143   0.65 9.91  ? 109 A   A C4    1 
ATOM   234 C C4    B A   A 1 9  ? 0.384   2.917   7.282   0.35 11.76 ? 109 A   A C4    1 
ATOM   235 P P     . G   A 1 10 ? 3.238   2.925   12.373  1.00 13.71 ? 110 G   A P     1 
ATOM   236 O OP1   . G   A 1 10 ? 3.575   3.171   13.787  1.00 16.14 ? 110 G   A OP1   1 
ATOM   237 O OP2   . G   A 1 10 ? 4.184   2.202   11.473  1.00 16.06 ? 110 G   A OP2   1 
ATOM   238 O "O5'" . G   A 1 10 ? 1.903   2.065   12.238  1.00 12.96 ? 110 G   A "O5'" 1 
ATOM   239 C "C5'" . G   A 1 10 ? 0.700   2.440   12.946  1.00 11.98 ? 110 G   A "C5'" 1 
ATOM   240 C "C4'" . G   A 1 10 ? -0.397  1.498   12.493  1.00 12.06 ? 110 G   A "C4'" 1 
ATOM   241 O "O4'" . G   A 1 10 ? -0.593  1.561   11.049  1.00 11.86 ? 110 G   A "O4'" 1 
ATOM   242 C "C3'" . G   A 1 10 ? -0.156  0.018   12.772  1.00 11.44 ? 110 G   A "C3'" 1 
ATOM   243 O "O3'" . G   A 1 10 ? -0.393  -0.270  14.129  1.00 13.54 ? 110 G   A "O3'" 1 
ATOM   244 C "C2'" . G   A 1 10 ? -1.149  -0.646  11.842  1.00 11.30 ? 110 G   A "C2'" 1 
ATOM   245 O "O2'" . G   A 1 10 ? -2.482  -0.466  12.349  1.00 14.40 ? 110 G   A "O2'" 1 
ATOM   246 C "C1'" . G   A 1 10 ? -0.988  0.249   10.612  1.00 11.36 ? 110 G   A "C1'" 1 
ATOM   247 N N9    . G   A 1 10 ? 0.027   -0.214  9.670   1.00 10.79 ? 110 G   A N9    1 
ATOM   248 C C8    . G   A 1 10 ? 1.289   0.279   9.491   1.00 11.04 ? 110 G   A C8    1 
ATOM   249 N N7    . G   A 1 10 ? 1.971   -0.355  8.553   1.00 10.63 ? 110 G   A N7    1 
ATOM   250 C C5    . G   A 1 10 ? 1.091   -1.317  8.100   1.00 10.13 ? 110 G   A C5    1 
ATOM   251 C C6    . G   A 1 10 ? 1.245   -2.305  7.101   1.00 9.49  ? 110 G   A C6    1 
ATOM   252 O O6    . G   A 1 10 ? 2.230   -2.519  6.401   1.00 10.29 ? 110 G   A O6    1 
ATOM   253 N N1    . G   A 1 10 ? 0.089   -3.081  6.960   1.00 10.28 ? 110 G   A N1    1 
ATOM   254 C C2    . G   A 1 10 ? -1.058  -2.922  7.694   1.00 10.15 ? 110 G   A C2    1 
ATOM   255 N N2    . G   A 1 10 ? -2.087  -3.745  7.446   1.00 10.97 ? 110 G   A N2    1 
ATOM   256 N N3    . G   A 1 10 ? -1.214  -1.990  8.638   1.00 10.29 ? 110 G   A N3    1 
ATOM   257 C C4    . G   A 1 10 ? -0.111  -1.240  8.780   1.00 9.98  ? 110 G   A C4    1 
ATOM   258 P P     . C   A 1 11 ? 0.405   -1.389  14.925  1.00 14.18 ? 111 C   A P     1 
ATOM   259 O OP1   . C   A 1 11 ? -0.021  -1.317  16.348  1.00 17.26 ? 111 C   A OP1   1 
ATOM   260 O OP2   . C   A 1 11 ? 1.851   -1.230  14.627  1.00 15.40 ? 111 C   A OP2   1 
ATOM   261 O "O5'" . C   A 1 11 ? -0.071  -2.761  14.297  1.00 12.84 ? 111 C   A "O5'" 1 
ATOM   262 C "C5'" . C   A 1 11 ? -1.438  -3.174  14.484  1.00 15.35 ? 111 C   A "C5'" 1 
ATOM   263 C "C4'" . C   A 1 11 ? -1.732  -4.280  13.501  1.00 13.50 ? 111 C   A "C4'" 1 
ATOM   264 O "O4'" . C   A 1 11 ? -1.538  -3.797  12.151  1.00 14.24 ? 111 C   A "O4'" 1 
ATOM   265 C "C3'" . C   A 1 11 ? -0.836  -5.510  13.538  1.00 12.57 ? 111 C   A "C3'" 1 
ATOM   266 O "O3'" . C   A 1 11 ? -1.170  -6.373  14.603  1.00 12.64 ? 111 C   A "O3'" 1 
ATOM   267 C "C2'" . C   A 1 11 ? -1.100  -6.130  12.175  1.00 12.21 ? 111 C   A "C2'" 1 
ATOM   268 O "O2'" . C   A 1 11 ? -2.361  -6.763  12.087  1.00 14.02 ? 111 C   A "O2'" 1 
ATOM   269 C "C1'" . C   A 1 11 ? -1.133  -4.875  11.324  1.00 12.73 ? 111 C   A "C1'" 1 
ATOM   270 N N1    . C   A 1 11 ? 0.190   -4.531  10.762  1.00 11.57 ? 111 C   A N1    1 
ATOM   271 C C2    . C   A 1 11 ? 0.586   -5.248  9.631   1.00 11.61 ? 111 C   A C2    1 
ATOM   272 O O2    . C   A 1 11 ? -0.166  -6.089  9.165   1.00 12.82 ? 111 C   A O2    1 
ATOM   273 N N3    . C   A 1 11 ? 1.793   -4.990  9.054   1.00 10.91 ? 111 C   A N3    1 
ATOM   274 C C4    . C   A 1 11 ? 2.595   -4.065  9.589   1.00 10.91 ? 111 C   A C4    1 
ATOM   275 N N4    . C   A 1 11 ? 3.782   -3.848  8.991   1.00 11.81 ? 111 C   A N4    1 
ATOM   276 C C5    . C   A 1 11 ? 2.226   -3.331  10.753  1.00 10.40 ? 111 C   A C5    1 
ATOM   277 C C6    . C   A 1 11 ? 1.019   -3.607  11.302  1.00 11.42 ? 111 C   A C6    1 
ATOM   278 P P     . G   A 1 12 ? -0.056  -7.235  15.323  1.00 13.57 ? 112 G   A P     1 
ATOM   279 O OP1   . G   A 1 12 ? -0.807  -7.915  16.417  1.00 14.78 ? 112 G   A OP1   1 
ATOM   280 O OP2   . G   A 1 12 ? 1.125   -6.408  15.598  1.00 15.23 ? 112 G   A OP2   1 
ATOM   281 O "O5'" . G   A 1 12 ? 0.442   -8.315  14.269  1.00 11.65 ? 112 G   A "O5'" 1 
ATOM   282 C "C5'" . G   A 1 12 ? -0.507  -9.298  13.802  1.00 11.92 ? 112 G   A "C5'" 1 
ATOM   283 C "C4'" . G   A 1 12 ? 0.125   -10.081 12.664  1.00 11.56 ? 112 G   A "C4'" 1 
ATOM   284 O "O4'" . G   A 1 12 ? 0.388   -9.189  11.529  1.00 11.60 ? 112 G   A "O4'" 1 
ATOM   285 C "C3'" . G   A 1 12 ? 1.467   -10.738 12.910  1.00 11.26 ? 112 G   A "C3'" 1 
ATOM   286 O "O3'" . G   A 1 12 ? 1.318   -11.923 13.685  1.00 13.18 ? 112 G   A "O3'" 1 
ATOM   287 C "C2'" . G   A 1 12 ? 1.954   -10.998 11.502  1.00 10.88 ? 112 G   A "C2'" 1 
ATOM   288 O "O2'" . G   A 1 12 ? 1.283   -12.084 10.911  1.00 12.42 ? 112 G   A "O2'" 1 
ATOM   289 C "C1'" . G   A 1 12 ? 1.473   -9.727  10.794  1.00 10.37 ? 112 G   A "C1'" 1 
ATOM   290 N N9    . G   A 1 12 ? 2.498   -8.666  10.708  1.00 10.21 ? 112 G   A N9    1 
ATOM   291 C C8    . G   A 1 12 ? 2.668   -7.556  11.491  1.00 10.67 ? 112 G   A C8    1 
ATOM   292 N N7    . G   A 1 12 ? 3.728   -6.848  11.087  1.00 10.28 ? 112 G   A N7    1 
ATOM   293 C C5    . G   A 1 12 ? 4.256   -7.540  9.998   1.00 9.60  ? 112 G   A C5    1 
ATOM   294 C C6    . G   A 1 12 ? 5.370   -7.266  9.174   1.00 9.31  ? 112 G   A C6    1 
ATOM   295 O O6    . G   A 1 12 ? 6.172   -6.314  9.213   1.00 10.19 ? 112 G   A O6    1 
ATOM   296 N N1    . G   A 1 12 ? 5.535   -8.248  8.190   1.00 9.78  ? 112 G   A N1    1 
ATOM   297 C C2    . G   A 1 12 ? 4.716   -9.352  8.038   1.00 9.00  ? 112 G   A C2    1 
ATOM   298 N N2    . G   A 1 12 ? 5.053   -10.189 7.018   1.00 10.67 ? 112 G   A N2    1 
ATOM   299 N N3    . G   A 1 12 ? 3.687   -9.613  8.797   1.00 9.79  ? 112 G   A N3    1 
ATOM   300 C C4    . G   A 1 12 ? 3.510   -8.666  9.757   1.00 9.78  ? 112 G   A C4    1 
HETATM 301 O O     . HOH B 2 .  ? -14.426 -1.032  -13.331 1.00 15.83 ? 201 HOH A O     1 
HETATM 302 O O     . HOH B 2 .  ? -16.345 -2.346  -9.065  1.00 23.22 ? 202 HOH A O     1 
HETATM 303 O O     . HOH B 2 .  ? -8.622  -0.623  -7.625  1.00 16.97 ? 203 HOH A O     1 
HETATM 304 O O     . HOH B 2 .  ? -9.370  3.355   -9.347  1.00 21.77 ? 204 HOH A O     1 
HETATM 305 O O     . HOH B 2 .  ? -7.317  1.802   -8.107  1.00 19.31 ? 205 HOH A O     1 
HETATM 306 O O     . HOH B 2 .  ? -5.512  -3.223  -7.166  1.00 17.94 ? 206 HOH A O     1 
HETATM 307 O O     . HOH B 2 .  ? -0.360  -2.223  -6.613  1.00 21.73 ? 207 HOH A O     1 
HETATM 308 O O     . HOH B 2 .  ? 4.219   -6.829  -10.821 1.00 22.35 ? 208 HOH A O     1 
HETATM 309 O O     . HOH B 2 .  ? 4.121   -2.909  -12.825 1.00 18.95 ? 209 HOH A O     1 
HETATM 310 O O     . HOH B 2 .  ? 5.845   -0.150  -2.064  1.00 18.83 ? 210 HOH A O     1 
HETATM 311 O O     . HOH B 2 .  ? 6.778   1.838   1.099   1.00 18.19 ? 211 HOH A O     1 
HETATM 312 O O     . HOH B 2 .  ? 4.426   0.962   5.067   1.00 18.89 ? 212 HOH A O     1 
HETATM 313 O O     . HOH B 2 .  ? 4.637   -0.309  7.699   1.00 23.02 ? 213 HOH A O     1 
HETATM 314 O O     . HOH B 2 .  ? 6.932   -4.193  10.702  1.00 21.06 ? 214 HOH A O     1 
HETATM 315 O O     . HOH B 2 .  ? 4.708   -5.007  12.915  1.00 18.52 ? 215 HOH A O     1 
HETATM 316 O O     . HOH B 2 .  ? 2.018   -11.257 16.196  1.00 17.87 ? 216 HOH A O     1 
HETATM 317 O O     . HOH B 2 .  ? -0.148  -10.304 17.526  1.00 14.72 ? 217 HOH A O     1 
HETATM 318 O O     . HOH B 2 .  ? -3.842  -1.659  10.427  1.00 29.63 ? 218 HOH A O     1 
HETATM 319 O O     . HOH B 2 .  ? -3.953  1.167   9.151   1.00 23.63 ? 219 HOH A O     1 
HETATM 320 O O     . HOH B 2 .  ? 1.834   8.768   -0.978  0.50 11.25 ? 220 HOH A O     1 
HETATM 321 O O     . HOH B 2 .  ? 1.934   -14.561 11.754  1.00 14.04 ? 221 HOH A O     1 
HETATM 322 O O     . HOH B 2 .  ? -4.149  2.138   -7.740  1.00 16.09 ? 222 HOH A O     1 
HETATM 323 O O     . HOH B 2 .  ? 5.634   6.954   -4.620  1.00 16.33 ? 223 HOH A O     1 
HETATM 324 O O     . HOH B 2 .  ? -3.959  -0.873  -7.564  1.00 17.05 ? 224 HOH A O     1 
HETATM 325 O O     . HOH B 2 .  ? 3.870   9.542   0.764   1.00 19.16 ? 225 HOH A O     1 
HETATM 326 O O     . HOH B 2 .  ? -1.283  -3.193  -14.167 1.00 21.31 ? 226 HOH A O     1 
HETATM 327 O O     . HOH B 2 .  ? -2.678  -7.314  8.363   1.00 19.10 ? 227 HOH A O     1 
HETATM 328 O O     . HOH B 2 .  ? 4.151   -0.164  -13.143 1.00 23.96 ? 228 HOH A O     1 
HETATM 329 O O     . HOH B 2 .  ? -2.237  0.256   -5.656  1.00 20.84 ? 229 HOH A O     1 
HETATM 330 O O     . HOH B 2 .  ? -4.191  -8.074  13.677  1.00 29.29 ? 230 HOH A O     1 
HETATM 331 O O     . HOH B 2 .  ? 2.292   -0.902  -0.928  1.00 23.42 ? 231 HOH A O     1 
HETATM 332 O O     . HOH B 2 .  ? -7.491  4.937   -10.833 1.00 24.20 ? 232 HOH A O     1 
HETATM 333 O O     . HOH B 2 .  ? -5.361  -9.181  -9.439  1.00 21.81 ? 233 HOH A O     1 
HETATM 334 O O     . HOH B 2 .  ? -2.374  -3.626  -6.098  1.00 26.96 ? 234 HOH A O     1 
HETATM 335 O O     . HOH B 2 .  ? 5.326   -0.214  11.902  1.00 31.67 ? 235 HOH A O     1 
HETATM 336 O O     . HOH B 2 .  ? 6.781   2.538   4.828   1.00 22.70 ? 236 HOH A O     1 
HETATM 337 O O     . HOH B 2 .  ? 5.460   -1.806  9.965   1.00 25.89 ? 237 HOH A O     1 
HETATM 338 O O     . HOH B 2 .  ? 4.718   8.867   -3.062  1.00 29.38 ? 238 HOH A O     1 
HETATM 339 O O     . HOH B 2 .  ? 1.898   -0.949  -3.994  1.00 28.70 ? 239 HOH A O     1 
HETATM 340 O O     . HOH B 2 .  ? 7.674   5.092   -8.757  1.00 28.29 ? 240 HOH A O     1 
HETATM 341 O O     . HOH B 2 .  ? 9.015   -1.433  -9.299  1.00 30.80 ? 241 HOH A O     1 
HETATM 342 O O     . HOH B 2 .  ? -3.660  -7.754  16.301  1.00 24.87 ? 242 HOH A O     1 
HETATM 343 O O     . HOH B 2 .  ? 0.606   -1.576  -14.484 1.00 27.20 ? 243 HOH A O     1 
HETATM 344 O O     . HOH B 2 .  ? -4.408  -5.381  -15.660 1.00 31.32 ? 244 HOH A O     1 
HETATM 345 O O     . HOH B 2 .  ? -6.146  -3.451  -15.942 1.00 33.39 ? 245 HOH A O     1 
HETATM 346 O O     . HOH B 2 .  ? -2.499  4.023   11.102  1.00 40.39 ? 246 HOH A O     1 
HETATM 347 O O     . HOH B 2 .  ? 3.821   -1.243  4.204   1.00 29.75 ? 247 HOH A O     1 
HETATM 348 O O     . HOH B 2 .  ? -1.789  -9.528  -6.882  1.00 34.13 ? 248 HOH A O     1 
HETATM 349 O O     . HOH B 2 .  ? -2.335  -8.780  10.719  1.00 33.01 ? 249 HOH A O     1 
HETATM 350 O O     . HOH B 2 .  ? -1.013  -11.991 9.251   1.00 30.83 ? 250 HOH A O     1 
HETATM 351 O O     . HOH B 2 .  ? 3.181   -8.653  -9.335  1.00 39.78 ? 251 HOH A O     1 
HETATM 352 O O     . HOH B 2 .  ? 5.132   4.586   -9.295  1.00 30.58 ? 252 HOH A O     1 
HETATM 353 O O     . HOH B 2 .  ? -3.373  0.876   14.669  1.00 27.45 ? 253 HOH A O     1 
HETATM 354 O O     . HOH B 2 .  ? 7.732   -0.976  -12.389 1.00 55.16 ? 254 HOH A O     1 
HETATM 355 O O     . HOH B 2 .  ? 9.862   -4.024  10.773  1.00 32.44 ? 255 HOH A O     1 
HETATM 356 O O     . HOH B 2 .  ? 3.442   0.809   15.876  1.00 29.29 ? 256 HOH A O     1 
HETATM 357 O O     . HOH B 2 .  ? 4.661   -0.014  1.472   1.00 32.54 ? 257 HOH A O     1 
HETATM 358 O O     . HOH B 2 .  ? -1.956  1.058   16.694  1.00 34.10 ? 258 HOH A O     1 
HETATM 359 O O     . HOH B 2 .  ? -1.464  6.218   5.658   1.00 29.18 ? 259 HOH A O     1 
HETATM 360 O O     . HOH B 2 .  ? -6.034  -7.441  12.287  1.00 28.56 ? 260 HOH A O     1 
HETATM 361 O O     . HOH B 2 .  ? -3.441  -2.888  -4.206  1.00 34.57 ? 261 HOH A O     1 
HETATM 362 O O     . HOH B 2 .  ? -14.854 -4.253  -16.613 0.50 33.64 ? 262 HOH A O     1 
HETATM 363 O O     . HOH B 2 .  ? 0.427   8.829   7.005   1.00 44.71 ? 263 HOH A O     1 
HETATM 364 O O     . HOH B 2 .  ? -0.365  -0.562  -3.992  1.00 29.06 ? 264 HOH A O     1 
HETATM 365 O O     . HOH B 2 .  ? 0.585   -8.209  -5.277  1.00 37.86 ? 265 HOH A O     1 
HETATM 366 O O     . HOH B 2 .  ? 3.958   -2.383  13.694  1.00 27.63 ? 266 HOH A O     1 
HETATM 367 O O     . HOH B 2 .  ? -16.959 -1.782  -5.641  1.00 49.63 ? 267 HOH A O     1 
HETATM 368 O O     . HOH B 2 .  ? -4.328  -4.466  9.424   1.00 37.38 ? 268 HOH A O     1 
HETATM 369 O O     . HOH B 2 .  ? -8.284  -4.855  -14.847 0.50 22.06 ? 269 HOH A O     1 
HETATM 370 O O     . HOH B 2 .  ? -10.754 -6.635  -11.684 1.00 34.97 ? 270 HOH A O     1 
HETATM 371 O O     . HOH B 2 .  ? 4.518   -1.879  -0.520  1.00 45.90 ? 271 HOH A O     1 
HETATM 372 O O     . HOH B 2 .  ? -15.396 -1.931  -17.983 1.00 38.07 ? 272 HOH A O     1 
HETATM 373 O O     . HOH B 2 .  ? 3.754   -6.346  15.209  1.00 28.54 ? 273 HOH A O     1 
HETATM 374 O O     . HOH B 2 .  ? -11.439 2.767   -7.539  1.00 46.40 ? 274 HOH A O     1 
HETATM 375 O O     . HOH B 2 .  ? 11.586  2.861   0.985   1.00 37.17 ? 275 HOH A O     1 
HETATM 376 O O     . HOH B 2 .  ? -14.568 -0.892  -4.328  0.50 29.31 ? 276 HOH A O     1 
HETATM 377 O O     . HOH B 2 .  ? -16.370 -0.873  -15.603 0.50 24.92 ? 277 HOH A O     1 
HETATM 378 O O     . HOH B 2 .  ? 6.612   -3.258  -12.295 0.50 24.69 ? 278 HOH A O     1 
HETATM 379 O O     . HOH B 2 .  ? 7.562   -3.314  -1.309  1.00 68.25 ? 279 HOH A O     1 
HETATM 380 O O     . HOH B 2 .  ? 5.834   9.364   8.375   0.50 17.40 ? 280 HOH A O     1 
HETATM 381 O O     . HOH B 2 .  ? 7.270   9.051   8.517   0.50 24.63 ? 281 HOH A O     1 
HETATM 382 O O     . HOH B 2 .  ? 1.365   -4.190  17.515  0.50 32.93 ? 282 HOH A O     1 
# 
loop_
_atom_site_anisotrop.id 
_atom_site_anisotrop.type_symbol 
_atom_site_anisotrop.pdbx_label_atom_id 
_atom_site_anisotrop.pdbx_label_alt_id 
_atom_site_anisotrop.pdbx_label_comp_id 
_atom_site_anisotrop.pdbx_label_asym_id 
_atom_site_anisotrop.pdbx_label_seq_id 
_atom_site_anisotrop.pdbx_PDB_ins_code 
_atom_site_anisotrop.U[1][1] 
_atom_site_anisotrop.U[2][2] 
_atom_site_anisotrop.U[3][3] 
_atom_site_anisotrop.U[1][2] 
_atom_site_anisotrop.U[1][3] 
_atom_site_anisotrop.U[2][3] 
_atom_site_anisotrop.pdbx_auth_seq_id 
_atom_site_anisotrop.pdbx_auth_comp_id 
_atom_site_anisotrop.pdbx_auth_asym_id 
_atom_site_anisotrop.pdbx_auth_atom_id 
1   O "O5'" A C   A 1  ? 0.3066 0.2465 0.2216 -0.0460 -0.0283 -0.0016 101 C   A "O5'" 
2   O "O5'" B C   A 1  ? 0.1574 0.2129 0.1291 0.0153  0.0153  0.0392  101 C   A "O5'" 
3   C "C5'" . C   A 1  ? 0.1757 0.2430 0.1788 0.0329  0.0318  -0.0063 101 C   A "C5'" 
4   C "C4'" . C   A 1  ? 0.1298 0.2082 0.1634 0.0109  0.0041  0.0181  101 C   A "C4'" 
5   O "O4'" . C   A 1  ? 0.1371 0.1564 0.1740 0.0109  -0.0022 0.0041  101 C   A "O4'" 
6   C "C3'" . C   A 1  ? 0.1496 0.1564 0.1647 0.0074  0.0181  0.0262  101 C   A "C3'" 
7   O "O3'" . C   A 1  ? 0.1548 0.1705 0.1843 -0.0152 -0.0042 0.0411  101 C   A "O3'" 
8   C "C2'" . C   A 1  ? 0.1562 0.1271 0.1767 0.0030  -0.0055 0.0163  101 C   A "C2'" 
9   O "O2'" . C   A 1  ? 0.1562 0.1563 0.2100 -0.0147 -0.0188 0.0390  101 C   A "O2'" 
10  C "C1'" . C   A 1  ? 0.1258 0.1449 0.1673 0.0093  0.0030  0.0163  101 C   A "C1'" 
11  N N1    . C   A 1  ? 0.1385 0.1334 0.1388 0.0073  -0.0130 0.0172  101 C   A N1    
12  C C2    . C   A 1  ? 0.1191 0.1363 0.1524 0.0030  -0.0142 0.0040  101 C   A C2    
13  O O2    . C   A 1  ? 0.1291 0.1293 0.1680 0.0054  -0.0139 0.0011  101 C   A O2    
14  N N3    . C   A 1  ? 0.1165 0.1164 0.1491 0.0142  -0.0138 0.0031  101 C   A N3    
15  C C4    . C   A 1  ? 0.1279 0.1220 0.1251 0.0125  -0.0255 0.0031  101 C   A C4    
16  N N4    . C   A 1  ? 0.1264 0.1340 0.1426 0.0046  -0.0124 0.0009  101 C   A N4    
17  C C5    . C   A 1  ? 0.1365 0.1367 0.1481 0.0103  -0.0037 0.0060  101 C   A C5    
18  C C6    . C   A 1  ? 0.1349 0.1417 0.1444 0.0066  -0.0157 0.0105  101 C   A C6    
19  P P     . G   A 2  ? 0.1769 0.1833 0.2121 -0.0150 -0.0229 0.0448  102 G   A P     
20  O OP1   . G   A 2  ? 0.2525 0.2052 0.1958 -0.0035 -0.0253 0.0574  102 G   A OP1   
21  O OP2   . G   A 2  ? 0.2006 0.2161 0.2204 -0.0302 -0.0509 0.0236  102 G   A OP2   
22  O "O5'" . G   A 2  ? 0.1637 0.1616 0.2131 -0.0030 -0.0249 0.0474  102 G   A "O5'" 
23  C "C5'" . G   A 2  ? 0.1386 0.1651 0.2423 -0.0225 -0.0156 0.0490  102 G   A "C5'" 
24  C "C4'" . G   A 2  ? 0.1437 0.1452 0.2465 -0.0159 -0.0386 0.0283  102 G   A "C4'" 
25  O "O4'" . G   A 2  ? 0.1691 0.1611 0.2027 -0.0064 -0.0181 0.0165  102 G   A "O4'" 
26  C "C3'" . G   A 2  ? 0.1340 0.1386 0.2547 -0.0187 -0.0173 0.0369  102 G   A "C3'" 
27  O "O3'" . G   A 2  ? 0.1343 0.1381 0.2836 -0.0213 -0.0243 0.0409  102 G   A "O3'" 
28  C "C2'" . G   A 2  ? 0.1817 0.1335 0.2455 0.0134  -0.0166 0.0139  102 G   A "C2'" 
29  O "O2'" . G   A 2  ? 0.1845 0.1486 0.2947 -0.0091 -0.0180 -0.0097 102 G   A "O2'" 
30  C "C1'" . G   A 2  ? 0.1416 0.1419 0.2354 -0.0099 -0.0307 0.0134  102 G   A "C1'" 
31  N N9    . G   A 2  ? 0.1448 0.1363 0.1689 0.0067  -0.0369 0.0169  102 G   A N9    
32  C C8    . G   A 2  ? 0.1489 0.1409 0.1787 0.0126  -0.0208 0.0201  102 G   A C8    
33  N N7    . G   A 2  ? 0.1384 0.1503 0.1844 0.0049  -0.0135 0.0063  102 G   A N7    
34  C C5    . G   A 2  ? 0.1240 0.1323 0.1764 0.0184  -0.0215 0.0031  102 G   A C5    
35  C C6    . G   A 2  ? 0.1390 0.1350 0.1512 -0.0067 -0.0347 -0.0084 102 G   A C6    
36  O O6    . G   A 2  ? 0.1352 0.1429 0.1780 0.0046  -0.0178 -0.0129 102 G   A O6    
37  N N1    . G   A 2  ? 0.1496 0.1165 0.1672 0.0056  -0.0156 0.0123  102 G   A N1    
38  C C2    . G   A 2  ? 0.1366 0.1265 0.1467 0.0009  -0.0403 -0.0039 102 G   A C2    
39  N N2    . G   A 2  ? 0.1545 0.1534 0.1855 -0.0025 -0.0223 -0.0256 102 G   A N2    
40  N N3    . G   A 2  ? 0.1399 0.1247 0.1738 0.0026  -0.0394 -0.0015 102 G   A N3    
41  C C4    . G   A 2  ? 0.1358 0.1320 0.1633 0.0024  -0.0356 0.0098  102 G   A C4    
42  P P     . C   A 3  ? 0.1447 0.1620 0.2284 -0.0006 -0.0107 0.0506  103 C   A P     
43  O OP1   . C   A 3  ? 0.1703 0.1861 0.2467 -0.0123 0.0004  0.0659  103 C   A OP1   
44  O OP2   . C   A 3  ? 0.1602 0.2025 0.2086 0.0114  -0.0078 0.0268  103 C   A OP2   
45  O "O5'" . C   A 3  ? 0.1468 0.1275 0.2219 -0.0157 -0.0140 0.0203  103 C   A "O5'" 
46  C "C5'" . C   A 3  ? 0.1709 0.1243 0.2152 -0.0262 -0.0319 0.0127  103 C   A "C5'" 
47  C "C4'" . C   A 3  ? 0.1609 0.1057 0.1996 -0.0018 -0.0374 0.0157  103 C   A "C4'" 
48  O "O4'" . C   A 3  ? 0.1538 0.1117 0.2072 -0.0089 -0.0483 0.0196  103 C   A "O4'" 
49  C "C3'" . C   A 3  ? 0.1473 0.1048 0.1743 0.0151  -0.0228 0.0021  103 C   A "C3'" 
50  O "O3'" . C   A 3  ? 0.1643 0.0992 0.1862 0.0156  -0.0225 0.0058  103 C   A "O3'" 
51  C "C2'" . C   A 3  ? 0.1446 0.1091 0.1537 0.0172  -0.0208 -0.0108 103 C   A "C2'" 
52  O "O2'" . C   A 3  ? 0.1841 0.1120 0.1602 0.0115  -0.0289 -0.0183 103 C   A "O2'" 
53  C "C1'" . C   A 3  ? 0.1445 0.1028 0.1845 -0.0052 -0.0345 -0.0004 103 C   A "C1'" 
54  N N1    . C   A 3  ? 0.1505 0.1000 0.1729 0.0041  -0.0244 0.0045  103 C   A N1    
55  C C2    . C   A 3  ? 0.1494 0.0975 0.1689 0.0116  -0.0267 0.0135  103 C   A C2    
56  O O2    . C   A 3  ? 0.1529 0.1031 0.1693 -0.0031 -0.0288 0.0022  103 C   A O2    
57  N N3    . C   A 3  ? 0.1476 0.0973 0.1365 -0.0041 -0.0374 0.0116  103 C   A N3    
58  C C4    . C   A 3  ? 0.1222 0.1177 0.1619 -0.0015 -0.0408 -0.0095 103 C   A C4    
59  N N4    . C   A 3  ? 0.1371 0.1185 0.1621 0.0000  -0.0277 -0.0083 103 C   A N4    
60  C C5    . C   A 3  ? 0.1302 0.1164 0.1704 0.0051  -0.0250 0.0041  103 C   A C5    
61  C C6    . C   A 3  ? 0.1445 0.1181 0.1805 0.0088  -0.0216 0.0086  103 C   A C6    
62  P P     . G   A 4  ? 0.1639 0.1283 0.1731 0.0136  -0.0037 0.0306  104 G   A P     
63  O OP1   . G   A 4  ? 0.2333 0.1404 0.2068 -0.0030 -0.0007 0.0529  104 G   A OP1   
64  O OP2   . G   A 4  ? 0.1598 0.1732 0.1748 0.0139  -0.0067 0.0115  104 G   A OP2   
65  O "O5'" . G   A 4  ? 0.1629 0.1237 0.1581 0.0215  -0.0197 -0.0050 104 G   A "O5'" 
66  C "C5'" . G   A 4  ? 0.1568 0.1084 0.1632 0.0164  -0.0189 -0.0052 104 G   A "C5'" 
67  C "C4'" . G   A 4  ? 0.1561 0.1110 0.1547 0.0064  -0.0321 -0.0045 104 G   A "C4'" 
68  O "O4'" . G   A 4  ? 0.1769 0.1031 0.1678 0.0010  -0.0458 -0.0087 104 G   A "O4'" 
69  C "C3'" . G   A 4  ? 0.1566 0.1010 0.1412 0.0197  -0.0249 -0.0092 104 G   A "C3'" 
70  O "O3'" . G   A 4  ? 0.1497 0.1245 0.1585 0.0226  -0.0260 -0.0081 104 G   A "O3'" 
71  C "C2'" . G   A 4  ? 0.1353 0.1254 0.1514 0.0078  -0.0131 -0.0067 104 G   A "C2'" 
72  O "O2'" . G   A 4  ? 0.1629 0.1237 0.1622 0.0235  -0.0077 0.0025  104 G   A "O2'" 
73  C "C1'" . G   A 4  ? 0.1423 0.1038 0.1484 0.0017  -0.0219 -0.0112 104 G   A "C1'" 
74  N N9    . G   A 4  ? 0.1337 0.0945 0.1686 0.0011  -0.0288 -0.0005 104 G   A N9    
75  C C8    . G   A 4  ? 0.1492 0.1042 0.1370 0.0118  -0.0183 0.0035  104 G   A C8    
76  N N7    . G   A 4  ? 0.1479 0.1059 0.1579 -0.0023 -0.0184 -0.0014 104 G   A N7    
77  C C5    . G   A 4  ? 0.1486 0.1014 0.1367 0.0036  -0.0289 -0.0008 104 G   A C5    
78  C C6    . G   A 4  ? 0.1362 0.0990 0.1325 -0.0013 -0.0346 -0.0052 104 G   A C6    
79  O O6    . G   A 4  ? 0.1414 0.1016 0.1521 0.0004  -0.0281 -0.0053 104 G   A O6    
80  N N1    . G   A 4  ? 0.1437 0.1168 0.1477 -0.0045 -0.0241 -0.0042 104 G   A N1    
81  C C2    . G   A 4  ? 0.1412 0.1070 0.1495 -0.0008 -0.0223 0.0074  104 G   A C2    
82  N N2    . G   A 4  ? 0.1587 0.1458 0.1956 -0.0053 -0.0019 0.0271  104 G   A N2    
83  N N3    . G   A 4  ? 0.1320 0.1137 0.1681 -0.0011 -0.0312 -0.0017 104 G   A N3    
84  C C4    . G   A 4  ? 0.1341 0.0973 0.1329 -0.0049 -0.0398 -0.0075 104 G   A C4    
85  P P     . A2M A 5  ? 0.1708 0.1646 0.1662 0.0261  -0.0343 -0.0168 105 A2M A P     
86  O OP1   . A2M A 5  ? 0.2037 0.2012 0.2216 0.0433  -0.0690 0.0187  105 A2M A OP1   
87  O "O5'" . A2M A 5  ? 0.1472 0.1458 0.1829 0.0229  -0.0266 -0.0481 105 A2M A "O5'" 
88  C "C5'" . A2M A 5  ? 0.1557 0.1573 0.1995 0.0123  -0.0189 -0.0405 105 A2M A "C5'" 
89  C "C4'" . A2M A 5  ? 0.1857 0.1602 0.1831 0.0204  -0.0221 -0.0192 105 A2M A "C4'" 
90  O "O4'" . A2M A 5  ? 0.1908 0.1614 0.2025 0.0275  -0.0392 -0.0430 105 A2M A "O4'" 
91  C "C3'" . A2M A 5  ? 0.1765 0.1419 0.2004 0.0054  -0.0348 -0.0211 105 A2M A "C3'" 
92  O "O3'" . A2M A 5  ? 0.1590 0.1728 0.2101 0.0035  -0.0206 -0.0195 105 A2M A "O3'" 
93  C "C2'" . A2M A 5  ? 0.1747 0.1675 0.1697 -0.0143 -0.0297 0.0010  105 A2M A "C2'" 
94  O "O2'" . A2M A 5  ? 0.1886 0.1879 0.2077 0.0018  -0.0087 -0.0047 105 A2M A "O2'" 
95  C "C1'" . A2M A 5  ? 0.1839 0.1679 0.1702 0.0312  -0.0351 -0.0556 105 A2M A "C1'" 
96  C "CM'" . A2M A 5  ? 0.1892 0.2147 0.2285 -0.0249 -0.0024 0.0254  105 A2M A "CM'" 
97  N N9    . A2M A 5  ? 0.1826 0.1528 0.1493 0.0184  -0.0289 -0.0294 105 A2M A N9    
98  C C8    . A2M A 5  ? 0.1955 0.1470 0.1859 0.0089  -0.0293 -0.0494 105 A2M A C8    
99  N N7    . A2M A 5  ? 0.1744 0.1442 0.1857 0.0102  -0.0369 -0.0200 105 A2M A N7    
100 C C5    . A2M A 5  ? 0.1645 0.1397 0.1337 0.0183  -0.0357 -0.0193 105 A2M A C5    
101 C C6    . A2M A 5  ? 0.1626 0.1498 0.1197 0.0167  -0.0345 -0.0313 105 A2M A C6    
102 N N6    . A2M A 5  ? 0.1581 0.1837 0.1413 0.0305  -0.0292 -0.0303 105 A2M A N6    
103 N N1    . A2M A 5  ? 0.1852 0.1455 0.1609 0.0238  -0.0348 -0.0129 105 A2M A N1    
104 C C2    . A2M A 5  ? 0.1949 0.1423 0.1606 0.0157  -0.0212 -0.0036 105 A2M A C2    
105 N N3    . A2M A 5  ? 0.1763 0.1539 0.1706 0.0203  -0.0274 -0.0040 105 A2M A N3    
106 C C4    . A2M A 5  ? 0.1702 0.1484 0.1360 0.0217  -0.0242 -0.0192 105 A2M A C4    
107 O OP2   . A2M A 5  ? 0.2100 0.1925 0.1498 0.0192  -0.0112 -0.0041 105 A2M A OP2   
108 P P     . ADS A 6  ? 0.1783 0.1511 0.2178 -0.0054 -0.0496 -0.0088 106 ADS A P     
109 S S2P   . ADS A 6  ? 0.2083 0.1654 0.2235 -0.0352 -0.0472 0.0273  106 ADS A S2P   
110 S S3P   . ADS A 6  ? 0.2196 0.1906 0.3212 0.0372  -0.0779 -0.0224 106 ADS A S3P   
111 O "O5'" . ADS A 6  ? 0.1393 0.1589 0.2049 -0.0181 -0.0293 -0.0096 106 ADS A "O5'" 
112 C "C5'" . ADS A 6  ? 0.1404 0.1543 0.2247 -0.0063 -0.0011 -0.0215 106 ADS A "C5'" 
113 C "C4'" . ADS A 6  ? 0.1384 0.1523 0.1838 0.0059  -0.0073 -0.0058 106 ADS A "C4'" 
114 O "O4'" . ADS A 6  ? 0.1434 0.1527 0.1648 -0.0121 -0.0164 0.0004  106 ADS A "O4'" 
115 C "C3'" . ADS A 6  ? 0.1377 0.1457 0.1777 0.0073  -0.0287 -0.0117 106 ADS A "C3'" 
116 O "O3'" . ADS A 6  ? 0.1328 0.1564 0.1924 -0.0094 -0.0195 0.0092  106 ADS A "O3'" 
117 C "C2'" . ADS A 6  ? 0.1321 0.1304 0.1947 -0.0083 -0.0144 -0.0108 106 ADS A "C2'" 
118 O "O2'" . ADS A 6  ? 0.1637 0.1603 0.2306 -0.0212 -0.0130 0.0200  106 ADS A "O2'" 
119 C "C1'" . ADS A 6  ? 0.1415 0.1446 0.1708 0.0002  -0.0079 0.0137  106 ADS A "C1'" 
120 N N9    . ADS A 6  ? 0.1247 0.1378 0.1734 0.0033  -0.0287 0.0064  106 ADS A N9    
121 C C8    . ADS A 6  ? 0.1201 0.1451 0.1415 0.0029  -0.0410 0.0081  106 ADS A C8    
122 N N7    . ADS A 6  ? 0.1444 0.1423 0.1411 -0.0049 -0.0096 -0.0230 106 ADS A N7    
123 C C5    . ADS A 6  ? 0.1399 0.1398 0.1115 0.0060  -0.0264 0.0040  106 ADS A C5    
124 C C6    . ADS A 6  ? 0.1356 0.1393 0.1378 0.0025  -0.0346 -0.0131 106 ADS A C6    
125 N N6    . ADS A 6  ? 0.1388 0.1669 0.1426 -0.0055 -0.0315 0.0097  106 ADS A N6    
126 N N1    . ADS A 6  ? 0.1601 0.1354 0.1612 0.0154  -0.0274 0.0038  106 ADS A N1    
127 C C2    . ADS A 6  ? 0.1643 0.1485 0.1951 0.0169  -0.0085 0.0212  106 ADS A C2    
128 N N3    . ADS A 6  ? 0.1609 0.1380 0.1606 0.0155  -0.0235 0.0213  106 ADS A N3    
129 C C4    . ADS A 6  ? 0.1365 0.1422 0.1329 -0.0003 -0.0268 -0.0085 106 ADS A C4    
130 P P     . U   A 7  ? 0.1413 0.1461 0.1863 -0.0048 -0.0259 -0.0066 107 U   A P     
131 O OP1   . U   A 7  ? 0.1414 0.1876 0.2362 0.0043  -0.0462 -0.0176 107 U   A OP1   
132 O OP2   A U   A 7  ? 0.1847 0.1384 0.1957 -0.0159 -0.0272 0.0116  107 U   A OP2   
133 O OP2   B U   A 7  ? 0.1807 0.1339 0.1818 -0.0120 -0.0418 0.0081  107 U   A OP2   
134 O "O5'" . U   A 7  ? 0.1298 0.1297 0.1971 -0.0138 -0.0300 -0.0069 107 U   A "O5'" 
135 C "C5'" . U   A 7  ? 0.1220 0.1395 0.1989 -0.0245 -0.0105 -0.0103 107 U   A "C5'" 
136 C "C4'" . U   A 7  ? 0.1509 0.1242 0.1760 0.0019  -0.0255 0.0046  107 U   A "C4'" 
137 O "O4'" . U   A 7  ? 0.1449 0.1552 0.1626 0.0022  -0.0162 -0.0059 107 U   A "O4'" 
138 C "C3'" . U   A 7  ? 0.1585 0.1347 0.1654 -0.0038 -0.0256 -0.0331 107 U   A "C3'" 
139 O "O3'" . U   A 7  ? 0.1399 0.1541 0.1844 -0.0283 -0.0345 0.0014  107 U   A "O3'" 
140 C "C2'" . U   A 7  ? 0.1460 0.1320 0.1711 -0.0107 -0.0286 -0.0227 107 U   A "C2'" 
141 O "O2'" . U   A 7  ? 0.1603 0.1258 0.1970 -0.0122 -0.0187 -0.0096 107 U   A "O2'" 
142 C "C1'" . U   A 7  ? 0.1445 0.1566 0.1597 -0.0156 -0.0143 -0.0178 107 U   A "C1'" 
143 N N1    . U   A 7  ? 0.1465 0.1480 0.1518 -0.0098 -0.0365 -0.0041 107 U   A N1    
144 C C2    . U   A 7  ? 0.1444 0.1174 0.1565 -0.0061 -0.0382 0.0127  107 U   A C2    
145 O O2    . U   A 7  ? 0.1597 0.1318 0.2041 -0.0075 -0.0222 -0.0108 107 U   A O2    
146 N N3    . U   A 7  ? 0.1484 0.1263 0.1627 -0.0091 -0.0386 0.0070  107 U   A N3    
147 C C4    . U   A 7  ? 0.1296 0.1202 0.1415 -0.0012 -0.0482 0.0107  107 U   A C4    
148 O O4    . U   A 7  ? 0.1370 0.1242 0.1638 -0.0070 -0.0409 0.0121  107 U   A O4    
149 C C5    . U   A 7  ? 0.1415 0.1499 0.1536 -0.0108 -0.0156 0.0094  107 U   A C5    
150 C C6    . U   A 7  ? 0.1486 0.1459 0.1173 -0.0083 -0.0155 0.0060  107 U   A C6    
151 P P     A U   A 8  ? 0.1891 0.1782 0.1831 -0.0117 -0.0438 -0.0056 108 U   A P     
152 P P     B U   A 8  ? 0.1237 0.1753 0.1887 -0.0363 -0.0439 0.0188  108 U   A P     
153 O OP1   A U   A 8  ? 0.2110 0.2445 0.2033 0.0048  -0.0754 -0.0412 108 U   A OP1   
154 O OP1   B U   A 8  ? 0.1622 0.1660 0.2264 -0.0086 -0.0863 -0.0063 108 U   A OP1   
155 O OP2   A U   A 8  ? 0.2336 0.1619 0.2033 0.0132  -0.0423 -0.0016 108 U   A OP2   
156 O OP2   B U   A 8  ? 0.1265 0.1689 0.1654 -0.0046 -0.0643 0.0056  108 U   A OP2   
157 O "O5'" A U   A 8  ? 0.2161 0.1583 0.1440 0.0087  -0.0412 0.0149  108 U   A "O5'" 
158 O "O5'" B U   A 8  ? 0.1524 0.1360 0.2043 -0.0223 -0.0163 0.0352  108 U   A "O5'" 
159 C "C5'" A U   A 8  ? 0.2085 0.1505 0.2302 -0.0060 -0.0143 0.0255  108 U   A "C5'" 
160 C "C5'" B U   A 8  ? 0.1550 0.1333 0.2227 -0.0474 -0.0088 0.0341  108 U   A "C5'" 
161 C "C4'" A U   A 8  ? 0.2041 0.1708 0.1860 -0.0012 -0.0400 -0.0011 108 U   A "C4'" 
162 C "C4'" B U   A 8  ? 0.1649 0.1673 0.1597 -0.0092 -0.0236 0.0276  108 U   A "C4'" 
163 O "O4'" A U   A 8  ? 0.2169 0.1777 0.1880 -0.0182 -0.0429 0.0134  108 U   A "O4'" 
164 O "O4'" B U   A 8  ? 0.1420 0.1764 0.1313 0.0036  0.0045  0.0129  108 U   A "O4'" 
165 C "C3'" A U   A 8  ? 0.2159 0.2211 0.1618 0.0100  -0.0155 -0.0009 108 U   A "C3'" 
166 C "C3'" B U   A 8  ? 0.1724 0.2203 0.1304 -0.0440 -0.0143 0.0043  108 U   A "C3'" 
167 O "O3'" A U   A 8  ? 0.2189 0.1871 0.1490 0.0239  0.0190  -0.0291 108 U   A "O3'" 
168 O "O3'" B U   A 8  ? 0.2228 0.2314 0.1550 -0.0114 -0.0406 -0.0172 108 U   A "O3'" 
169 C "C2'" A U   A 8  ? 0.2252 0.2387 0.1942 0.0221  -0.0034 -0.0159 108 U   A "C2'" 
170 C "C2'" B U   A 8  ? 0.1651 0.2634 0.1047 0.0081  -0.0027 0.0046  108 U   A "C2'" 
171 O "O2'" A U   A 8  ? 0.3046 0.2701 0.2828 0.0645  0.0006  -0.0576 108 U   A "O2'" 
172 O "O2'" B U   A 8  ? 0.2175 0.2785 0.2016 0.0048  0.0172  -0.0681 108 U   A "O2'" 
173 C "C1'" A U   A 8  ? 0.2037 0.2006 0.2144 -0.0127 -0.0343 0.0134  108 U   A "C1'" 
174 C "C1'" B U   A 8  ? 0.1572 0.1919 0.0983 -0.0125 0.0050  0.0191  108 U   A "C1'" 
175 N N1    A U   A 8  ? 0.1894 0.1776 0.1702 -0.0081 -0.0254 0.0416  108 U   A N1    
176 N N1    B U   A 8  ? 0.1548 0.1836 0.1406 -0.0048 0.0000  0.0218  108 U   A N1    
177 C C2    A U   A 8  ? 0.1771 0.1836 0.1854 0.0060  -0.0136 0.0157  108 U   A C2    
178 C C2    B U   A 8  ? 0.1499 0.1694 0.1381 0.0038  0.0065  0.0418  108 U   A C2    
179 O O2    A U   A 8  ? 0.2010 0.2180 0.2370 0.0321  -0.0103 -0.0147 108 U   A O2    
180 O O2    B U   A 8  ? 0.1681 0.2484 0.1820 0.0057  0.0352  -0.0236 108 U   A O2    
181 N N3    A U   A 8  ? 0.1541 0.1819 0.1384 0.0022  -0.0110 0.0268  108 U   A N3    
182 N N3    B U   A 8  ? 0.1664 0.2021 0.1195 -0.0114 -0.0073 -0.0039 108 U   A N3    
183 C C4    A U   A 8  ? 0.1388 0.1851 0.1461 -0.0097 -0.0186 0.0167  108 U   A C4    
184 C C4    B U   A 8  ? 0.1761 0.1551 0.1683 0.0034  -0.0091 0.0335  108 U   A C4    
185 O O4    A U   A 8  ? 0.1170 0.1633 0.1453 0.0005  -0.0145 0.0398  108 U   A O4    
186 O O4    B U   A 8  ? 0.2392 0.2014 0.2399 -0.0183 0.0051  -0.0492 108 U   A O4    
187 C C5    A U   A 8  ? 0.1533 0.1699 0.1609 -0.0287 -0.0010 0.0503  108 U   A C5    
188 C C5    B U   A 8  ? 0.1669 0.1700 0.1548 0.0070  -0.0018 0.0418  108 U   A C5    
189 C C6    A U   A 8  ? 0.1634 0.1417 0.2421 -0.0124 -0.0333 0.0620  108 U   A C6    
190 C C6    B U   A 8  ? 0.1469 0.1765 0.1338 -0.0054 -0.0081 0.0309  108 U   A C6    
191 P P     A A   A 9  ? 0.2080 0.2331 0.1729 -0.0082 -0.0293 -0.0039 109 A   A P     
192 P P     B A   A 9  ? 0.1794 0.2494 0.1452 0.0069  -0.0235 -0.0271 109 A   A P     
193 O OP1   A A   A 9  ? 0.2545 0.2648 0.3428 -0.0662 -0.1065 0.0251  109 A   A OP1   
194 O OP1   B A   A 9  ? 0.1513 0.3033 0.1511 -0.0199 -0.0102 -0.0327 109 A   A OP1   
195 O OP2   A A   A 9  ? 0.2632 0.2094 0.2216 0.0301  0.0010  0.0270  109 A   A OP2   
196 O OP2   B A   A 9  ? 0.2477 0.3265 0.1680 0.0620  -0.0015 -0.0431 109 A   A OP2   
197 O "O5'" A A   A 9  ? 0.2388 0.1808 0.1932 -0.0222 -0.0159 -0.0010 109 A   A "O5'" 
198 O "O5'" B A   A 9  ? 0.2231 0.1823 0.1898 0.0058  -0.0033 -0.0230 109 A   A "O5'" 
199 C "C5'" A A   A 9  ? 0.2252 0.1903 0.1999 -0.0441 0.0008  -0.0129 109 A   A "C5'" 
200 C "C5'" B A   A 9  ? 0.2360 0.1910 0.1607 -0.0726 0.0014  -0.0376 109 A   A "C5'" 
201 C "C4'" A A   A 9  ? 0.2192 0.1508 0.1906 -0.0413 -0.0306 -0.0163 109 A   A "C4'" 
202 C "C4'" B A   A 9  ? 0.2188 0.1465 0.1664 -0.0498 -0.0133 -0.0255 109 A   A "C4'" 
203 O "O4'" A A   A 9  ? 0.2663 0.1180 0.1840 -0.0366 -0.0346 -0.0188 109 A   A "O4'" 
204 O "O4'" B A   A 9  ? 0.2347 0.1256 0.1491 -0.0647 0.0007  -0.0130 109 A   A "O4'" 
205 C "C3'" A A   A 9  ? 0.1797 0.1192 0.1510 -0.0099 -0.0164 -0.0512 109 A   A "C3'" 
206 C "C3'" B A   A 9  ? 0.1882 0.1393 0.1663 -0.0282 -0.0244 -0.0299 109 A   A "C3'" 
207 O "O3'" A A   A 9  ? 0.1811 0.1207 0.1728 -0.0036 -0.0291 -0.0389 109 A   A "O3'" 
208 O "O3'" B A   A 9  ? 0.2002 0.1129 0.1748 -0.0030 -0.0329 -0.0462 109 A   A "O3'" 
209 C "C2'" A A   A 9  ? 0.1721 0.1343 0.1548 -0.0015 -0.0112 -0.0243 109 A   A "C2'" 
210 C "C2'" B A   A 9  ? 0.1693 0.1104 0.1578 -0.0055 -0.0055 0.0090  109 A   A "C2'" 
211 O "O2'" A A   A 9  ? 0.1942 0.1106 0.1655 0.0269  -0.0123 -0.0102 109 A   A "O2'" 
212 O "O2'" B A   A 9  ? 0.2133 0.0837 0.1629 0.0257  -0.0112 0.0083  109 A   A "O2'" 
213 C "C1'" A A   A 9  ? 0.2195 0.1311 0.1517 -0.0149 -0.0302 -0.0273 109 A   A "C1'" 
214 C "C1'" B A   A 9  ? 0.2089 0.0897 0.1549 -0.0326 -0.0216 0.0009  109 A   A "C1'" 
215 N N9    A A   A 9  ? 0.1746 0.1184 0.1441 -0.0085 -0.0276 -0.0154 109 A   A N9    
216 N N9    B A   A 9  ? 0.2003 0.1233 0.1619 -0.0128 -0.0458 -0.0246 109 A   A N9    
217 C C8    A A   A 9  ? 0.1655 0.0978 0.1712 -0.0212 -0.0265 -0.0008 109 A   A C8    
218 C C8    B A   A 9  ? 0.1849 0.0952 0.1916 -0.0078 -0.0545 -0.0267 109 A   A C8    
219 N N7    A A   A 9  ? 0.1357 0.1229 0.1474 -0.0205 -0.0248 -0.0122 109 A   A N7    
220 N N7    B A   A 9  ? 0.1589 0.1213 0.1651 -0.0232 -0.0614 -0.0338 109 A   A N7    
221 C C5    A A   A 9  ? 0.1439 0.1104 0.1231 -0.0236 -0.0127 -0.0044 109 A   A C5    
222 C C5    B A   A 9  ? 0.1694 0.1154 0.1371 -0.0270 -0.0378 -0.0102 109 A   A C5    
223 C C6    A A   A 9  ? 0.1461 0.1100 0.1252 -0.0194 -0.0253 -0.0089 109 A   A C6    
224 C C6    B A   A 9  ? 0.1526 0.1085 0.1203 -0.0280 -0.0317 -0.0016 109 A   A C6    
225 N N6    A A   A 9  ? 0.1637 0.1149 0.1487 0.0119  -0.0288 -0.0175 109 A   A N6    
226 N N6    B A   A 9  ? 0.1486 0.0980 0.1020 -0.0415 -0.0128 0.0159  109 A   A N6    
227 N N1    A A   A 9  ? 0.1281 0.0877 0.1585 0.0022  -0.0408 -0.0038 109 A   A N1    
228 N N1    B A   A 9  ? 0.1298 0.0953 0.1457 0.0110  -0.0454 -0.0126 109 A   A N1    
229 C C2    A A   A 9  ? 0.1501 0.1146 0.1608 0.0015  -0.0285 -0.0121 109 A   A C2    
230 C C2    B A   A 9  ? 0.1542 0.0945 0.1895 0.0263  -0.0466 -0.0325 109 A   A C2    
231 N N3    A A   A 9  ? 0.1520 0.1014 0.1460 0.0143  -0.0149 -0.0091 109 A   A N3    
232 N N3    B A   A 9  ? 0.1688 0.1107 0.2005 0.0209  -0.0482 -0.0449 109 A   A N3    
233 C C4    A A   A 9  ? 0.1536 0.1010 0.1218 -0.0024 -0.0191 0.0016  109 A   A C4    
234 C C4    B A   A 9  ? 0.1785 0.1074 0.1608 0.0010  -0.0486 -0.0168 109 A   A C4    
235 P P     . G   A 10 ? 0.1876 0.1287 0.2045 0.0070  -0.0310 -0.0283 110 G   A P     
236 O OP1   . G   A 10 ? 0.2293 0.1792 0.2046 0.0127  -0.0476 -0.0172 110 G   A OP1   
237 O OP2   . G   A 10 ? 0.1761 0.1536 0.2805 0.0195  -0.0304 -0.0751 110 G   A OP2   
238 O "O5'" . G   A 10 ? 0.1753 0.1073 0.2097 0.0241  -0.0274 -0.0160 110 G   A "O5'" 
239 C "C5'" . G   A 10 ? 0.1808 0.0793 0.1951 0.0254  -0.0287 -0.0093 110 G   A "C5'" 
240 C "C4'" . G   A 10 ? 0.1811 0.0999 0.1771 0.0078  -0.0165 0.0024  110 G   A "C4'" 
241 O "O4'" . G   A 10 ? 0.1714 0.0962 0.1831 0.0018  -0.0148 -0.0006 110 G   A "O4'" 
242 C "C3'" . G   A 10 ? 0.1692 0.0978 0.1675 -0.0011 -0.0056 0.0024  110 G   A "C3'" 
243 O "O3'" . G   A 10 ? 0.2208 0.1231 0.1704 0.0134  -0.0057 0.0094  110 G   A "O3'" 
244 C "C2'" . G   A 10 ? 0.1371 0.1126 0.1798 -0.0079 -0.0105 0.0163  110 G   A "C2'" 
245 O "O2'" . G   A 10 ? 0.1671 0.1609 0.2192 0.0017  0.0207  0.0155  110 G   A "O2'" 
246 C "C1'" . G   A 10 ? 0.1570 0.0970 0.1776 0.0030  -0.0088 0.0010  110 G   A "C1'" 
247 N N9    . G   A 10 ? 0.1561 0.1021 0.1515 -0.0073 -0.0169 0.0027  110 G   A N9    
248 C C8    . G   A 10 ? 0.1474 0.1023 0.1697 -0.0001 -0.0255 -0.0007 110 G   A C8    
249 N N7    . G   A 10 ? 0.1334 0.0933 0.1772 -0.0005 -0.0259 0.0063  110 G   A N7    
250 C C5    . G   A 10 ? 0.1285 0.0790 0.1775 0.0121  -0.0284 0.0051  110 G   A C5    
251 C C6    . G   A 10 ? 0.1290 0.0953 0.1361 0.0038  -0.0280 0.0180  110 G   A C6    
252 O O6    . G   A 10 ? 0.1304 0.0998 0.1609 -0.0003 -0.0239 0.0000  110 G   A O6    
253 N N1    . G   A 10 ? 0.1343 0.1084 0.1479 -0.0123 -0.0252 0.0119  110 G   A N1    
254 C C2    . G   A 10 ? 0.1368 0.1154 0.1336 -0.0089 -0.0314 0.0051  110 G   A C2    
255 N N2    . G   A 10 ? 0.1371 0.1242 0.1556 -0.0227 -0.0119 0.0098  110 G   A N2    
256 N N3    . G   A 10 ? 0.1412 0.1007 0.1490 -0.0047 -0.0261 0.0137  110 G   A N3    
257 C C4    . G   A 10 ? 0.1393 0.0800 0.1600 0.0024  -0.0190 0.0123  110 G   A C4    
258 P P     . C   A 11 ? 0.2178 0.1410 0.1801 0.0057  -0.0139 0.0212  111 C   A P     
259 O OP1   . C   A 11 ? 0.2972 0.1955 0.1628 -0.0071 -0.0167 0.0203  111 C   A OP1   
260 O OP2   . C   A 11 ? 0.2108 0.1694 0.2049 -0.0116 -0.0438 0.0252  111 C   A OP2   
261 O "O5'" . C   A 11 ? 0.1812 0.1235 0.1830 0.0010  -0.0003 0.0336  111 C   A "O5'" 
262 C "C5'" . C   A 11 ? 0.1890 0.1465 0.2478 0.0049  0.0232  0.0078  111 C   A "C5'" 
263 C "C4'" . C   A 11 ? 0.1480 0.1386 0.2262 0.0080  0.0085  0.0256  111 C   A "C4'" 
264 O "O4'" . C   A 11 ? 0.1781 0.1350 0.2280 0.0167  0.0034  0.0271  111 C   A "O4'" 
265 C "C3'" . C   A 11 ? 0.1546 0.1209 0.2019 -0.0082 0.0215  0.0311  111 C   A "C3'" 
266 O "O3'" . C   A 11 ? 0.1549 0.1360 0.1893 -0.0033 0.0259  0.0327  111 C   A "O3'" 
267 C "C2'" . C   A 11 ? 0.1458 0.1242 0.1937 -0.0202 -0.0048 0.0356  111 C   A "C2'" 
268 O "O2'" . C   A 11 ? 0.1366 0.1418 0.2543 -0.0145 0.0017  0.0320  111 C   A "O2'" 
269 C "C1'" . C   A 11 ? 0.1546 0.1129 0.2162 0.0023  0.0043  0.0356  111 C   A "C1'" 
270 N N1    . C   A 11 ? 0.1451 0.1016 0.1928 -0.0024 -0.0089 0.0341  111 C   A N1    
271 C C2    . C   A 11 ? 0.1449 0.1307 0.1656 -0.0048 -0.0279 0.0338  111 C   A C2    
272 O O2    . C   A 11 ? 0.1461 0.1458 0.1952 -0.0077 -0.0255 0.0141  111 C   A O2    
273 N N3    . C   A 11 ? 0.1384 0.1192 0.1569 0.0070  -0.0311 0.0210  111 C   A N3    
274 C C4    . C   A 11 ? 0.1461 0.1095 0.1590 0.0015  -0.0240 0.0269  111 C   A C4    
275 N N4    . C   A 11 ? 0.1475 0.1287 0.1727 0.0016  -0.0120 0.0163  111 C   A N4    
276 C C5    . C   A 11 ? 0.1394 0.1024 0.1533 0.0033  -0.0221 0.0305  111 C   A C5    
277 C C6    . C   A 11 ? 0.1459 0.0904 0.1976 0.0087  -0.0072 0.0315  111 C   A C6    
278 P P     . G   A 12 ? 0.1934 0.1509 0.1715 -0.0090 0.0027  0.0293  112 G   A P     
279 O OP1   . G   A 12 ? 0.2211 0.1594 0.1812 0.0205  0.0337  0.0409  112 G   A OP1   
280 O OP2   . G   A 12 ? 0.1998 0.2018 0.1772 -0.0190 -0.0279 0.0041  112 G   A OP2   
281 O "O5'" . G   A 12 ? 0.1424 0.1376 0.1629 -0.0020 0.0018  0.0341  112 G   A "O5'" 
282 C "C5'" . G   A 12 ? 0.1383 0.1291 0.1856 -0.0004 0.0092  0.0264  112 G   A "C5'" 
283 C "C4'" . G   A 12 ? 0.1203 0.1361 0.1830 -0.0095 0.0020  0.0252  112 G   A "C4'" 
284 O "O4'" . G   A 12 ? 0.1295 0.1357 0.1754 -0.0008 0.0049  0.0243  112 G   A "O4'" 
285 C "C3'" . G   A 12 ? 0.1285 0.1339 0.1655 -0.0045 -0.0021 0.0242  112 G   A "C3'" 
286 O "O3'" . G   A 12 ? 0.1619 0.1320 0.2070 -0.0030 0.0097  0.0415  112 G   A "O3'" 
287 C "C2'" . G   A 12 ? 0.1304 0.1189 0.1642 -0.0085 -0.0106 0.0100  112 G   A "C2'" 
288 O "O2'" . G   A 12 ? 0.1439 0.1342 0.1937 -0.0133 -0.0089 0.0024  112 G   A "O2'" 
289 C "C1'" . G   A 12 ? 0.1091 0.1295 0.1554 -0.0049 -0.0171 0.0073  112 G   A "C1'" 
290 N N9    . G   A 12 ? 0.1196 0.1022 0.1662 0.0060  0.0004  0.0013  112 G   A N9    
291 C C8    . G   A 12 ? 0.1361 0.1091 0.1603 0.0055  0.0000  -0.0025 112 G   A C8    
292 N N7    . G   A 12 ? 0.1292 0.1020 0.1596 0.0065  -0.0140 0.0004  112 G   A N7    
293 C C5    . G   A 12 ? 0.1154 0.1019 0.1473 0.0093  -0.0166 0.0098  112 G   A C5    
294 C C6    . G   A 12 ? 0.1163 0.1014 0.1361 -0.0024 -0.0273 0.0117  112 G   A C6    
295 O O6    . G   A 12 ? 0.1316 0.1006 0.1548 0.0003  -0.0098 0.0014  112 G   A O6    
296 N N1    . G   A 12 ? 0.1217 0.1080 0.1420 -0.0023 -0.0207 0.0072  112 G   A N1    
297 C C2    . G   A 12 ? 0.1057 0.0981 0.1384 0.0070  -0.0138 0.0055  112 G   A C2    
298 N N2    . G   A 12 ? 0.1347 0.1282 0.1424 0.0009  -0.0179 -0.0091 112 G   A N2    
299 N N3    . G   A 12 ? 0.1163 0.1103 0.1453 0.0027  -0.0108 0.0038  112 G   A N3    
300 C C4    . G   A 12 ? 0.1156 0.1155 0.1403 0.0003  -0.0092 0.0012  112 G   A C4    
301 O O     . HOH B .  ? 0.2094 0.1785 0.2135 -0.0175 -0.0213 -0.0073 201 HOH A O     
302 O O     . HOH B .  ? 0.2956 0.2699 0.3167 -0.0562 -0.0343 0.0874  202 HOH A O     
303 O O     . HOH B .  ? 0.1923 0.1915 0.2611 -0.0201 -0.0472 0.0087  203 HOH A O     
304 O O     . HOH B .  ? 0.2906 0.2628 0.2739 0.0528  -0.0675 -0.0365 204 HOH A O     
305 O O     . HOH B .  ? 0.2059 0.3012 0.2268 0.0315  0.0104  -0.0245 205 HOH A O     
306 O O     . HOH B .  ? 0.2278 0.1749 0.2788 -0.0061 -0.0149 -0.0217 206 HOH A O     
307 O O     . HOH B .  ? 0.2398 0.2055 0.3804 0.0068  0.0071  0.0278  207 HOH A O     
308 O O     . HOH B .  ? 0.2652 0.2493 0.3346 0.0434  -0.0326 -0.0463 208 HOH A O     
309 O O     . HOH B .  ? 0.2566 0.2465 0.2169 0.0350  0.0286  0.0133  209 HOH A O     
310 O O     . HOH B .  ? 0.2383 0.1809 0.2963 -0.0074 -0.0582 0.0000  210 HOH A O     
311 O O     . HOH B .  ? 0.2257 0.2272 0.2383 -0.0208 -0.0174 0.0270  211 HOH A O     
312 O O     . HOH B .  ? 0.2474 0.2381 0.2323 0.0607  0.0236  0.0339  212 HOH A O     
313 O O     . HOH B .  ? 0.2275 0.2945 0.3528 0.0197  0.0001  0.0848  213 HOH A O     
314 O O     . HOH B .  ? 0.3040 0.1644 0.3318 0.0151  -0.1114 -0.0717 214 HOH A O     
315 O O     . HOH B .  ? 0.2563 0.1963 0.2511 0.0329  -0.0522 -0.0692 215 HOH A O     
316 O O     . HOH B .  ? 0.1957 0.2503 0.2331 -0.0216 0.0019  0.0409  216 HOH A O     
317 O O     . HOH B .  ? 0.1845 0.1656 0.2090 -0.0341 -0.0139 0.0333  217 HOH A O     
318 O O     . HOH B .  ? 0.3658 0.3358 0.4240 -0.0709 -0.0662 -0.0478 218 HOH A O     
319 O O     . HOH B .  ? 0.2724 0.3252 0.3003 0.0155  0.0222  0.0100  219 HOH A O     
320 O O     . HOH B .  ? 0.1288 0.1083 0.1904 0.0002  -0.0351 -0.0065 220 HOH A O     
321 O O     . HOH B .  ? 0.1622 0.1507 0.2205 0.0055  0.0002  0.0057  221 HOH A O     
322 O O     . HOH B .  ? 0.1710 0.2632 0.1771 0.0059  -0.0270 -0.0361 222 HOH A O     
323 O O     . HOH B .  ? 0.2056 0.1903 0.2247 0.0026  -0.0182 0.0250  223 HOH A O     
324 O O     . HOH B .  ? 0.2004 0.2263 0.2211 -0.0071 0.0034  -0.0022 224 HOH A O     
325 O O     . HOH B .  ? 0.2298 0.1820 0.3161 -0.0116 -0.0258 0.0306  225 HOH A O     
326 O O     . HOH B .  ? 0.2852 0.2205 0.3040 0.0020  -0.0193 0.0406  226 HOH A O     
327 O O     . HOH B .  ? 0.1721 0.2239 0.3299 -0.0160 0.0036  -0.0356 227 HOH A O     
328 O O     . HOH B .  ? 0.3202 0.2707 0.3194 0.0882  0.0579  -0.0225 228 HOH A O     
329 O O     . HOH B .  ? 0.2454 0.2499 0.2967 -0.0117 -0.0175 -0.0058 229 HOH A O     
330 O O     . HOH B .  ? 0.2776 0.3241 0.5111 -0.0369 -0.0134 0.0623  230 HOH A O     
331 O O     . HOH B .  ? 0.2955 0.1867 0.4075 -0.0165 -0.0109 0.0359  231 HOH A O     
332 O O     . HOH B .  ? 0.3413 0.2551 0.3229 0.0843  -0.0770 -0.1158 232 HOH A O     
333 O O     . HOH B .  ? 0.2332 0.1936 0.4017 -0.0167 -0.0098 -0.0187 233 HOH A O     
334 O O     . HOH B .  ? 0.3211 0.3860 0.3174 0.0168  -0.0039 0.0489  234 HOH A O     
335 O O     . HOH B .  ? 0.5643 0.3003 0.3386 0.0899  -0.1038 -0.1041 235 HOH A O     
336 O O     . HOH B .  ? 0.2977 0.2631 0.3017 -0.0402 -0.0552 0.0241  236 HOH A O     
337 O O     . HOH B .  ? 0.3490 0.2054 0.4295 -0.0242 -0.0224 -0.0334 237 HOH A O     
338 O O     . HOH B .  ? 0.4788 0.2877 0.3498 0.0742  -0.1334 -0.0915 238 HOH A O     
339 O O     . HOH B .  ? 0.3414 0.3027 0.4463 -0.1203 0.0025  0.0859  239 HOH A O     
340 O O     . HOH B .  ? 0.4101 0.2387 0.4263 -0.0625 -0.0946 0.0153  240 HOH A O     
341 O O     . HOH B .  ? 0.3617 0.4674 0.3413 0.0768  0.0493  -0.1096 241 HOH A O     
342 O O     . HOH B .  ? 0.2391 0.2950 0.4109 -0.0242 -0.0129 0.0416  242 HOH A O     
343 O O     . HOH B .  ? 0.3892 0.3593 0.2848 -0.0169 -0.0022 0.0196  243 HOH A O     
344 O O     . HOH B .  ? 0.4727 0.3562 0.3613 0.0528  -0.1004 -0.0659 244 HOH A O     
345 O O     . HOH B .  ? 0.6222 0.3056 0.3409 0.0504  -0.2043 -0.1416 245 HOH A O     
346 O O     . HOH B .  ? 0.4575 0.3218 0.7553 0.0085  -0.0691 0.0641  246 HOH A O     
347 O O     . HOH B .  ? 0.2912 0.2926 0.5465 -0.0534 0.0124  -0.0182 247 HOH A O     
348 O O     . HOH B .  ? 0.4449 0.4037 0.4483 0.0834  0.0225  -0.0155 248 HOH A O     
349 O O     . HOH B .  ? 0.3572 0.3236 0.5735 0.0306  -0.0520 -0.1100 249 HOH A O     
350 O O     . HOH B .  ? 0.4013 0.3681 0.4020 -0.0434 -0.1646 0.0727  250 HOH A O     
351 O O     . HOH B .  ? 0.3688 0.5102 0.6324 -0.0689 0.0013  0.1170  251 HOH A O     
352 O O     . HOH B .  ? 0.3524 0.2840 0.5256 0.0096  -0.0324 0.0452  252 HOH A O     
353 O O     . HOH B .  ? 0.3533 0.3629 0.3268 0.0998  0.0382  -0.0426 253 HOH A O     
354 O O     . HOH B .  ? 0.7409 0.6832 0.6718 -0.0236 -0.0427 0.0687  254 HOH A O     
355 O O     . HOH B .  ? 0.3302 0.3105 0.5917 0.0290  -0.0328 -0.1609 255 HOH A O     
356 O O     . HOH B .  ? 0.4037 0.3556 0.3538 0.0126  -0.0442 -0.0823 256 HOH A O     
357 O O     . HOH B .  ? 0.3835 0.4464 0.4063 -0.0312 0.0095  0.0011  257 HOH A O     
358 O O     . HOH B .  ? 0.4526 0.2758 0.5670 0.0039  -0.1072 -0.0385 258 HOH A O     
359 O O     . HOH B .  ? 0.3270 0.3657 0.4158 0.0051  0.0201  -0.0683 259 HOH A O     
360 O O     . HOH B .  ? 0.3417 0.4399 0.3034 0.0445  -0.0109 -0.0565 260 HOH A O     
361 O O     . HOH B .  ? 0.5054 0.4032 0.4047 -0.1146 -0.0319 0.0626  261 HOH A O     
362 O O     . HOH B .  ? 0.4085 0.3609 0.5089 -0.0084 -0.0471 -0.0183 262 HOH A O     
363 O O     . HOH B .  ? 0.4846 0.4530 0.7614 -0.1471 -0.0652 0.2153  263 HOH A O     
364 O O     . HOH B .  ? 0.3831 0.3540 0.3671 -0.0288 0.0137  -0.0597 264 HOH A O     
365 O O     . HOH B .  ? 0.4704 0.4423 0.5259 -0.0343 -0.0367 0.1401  265 HOH A O     
366 O O     . HOH B .  ? 0.3350 0.3352 0.3795 0.0664  -0.0421 -0.1350 266 HOH A O     
367 O O     . HOH B .  ? 0.7147 0.4325 0.7385 0.0887  -0.1257 -0.0628 267 HOH A O     
368 O O     . HOH B .  ? 0.3905 0.6420 0.3877 0.0604  0.0793  -0.0594 268 HOH A O     
369 O O     . HOH B .  ? 0.2663 0.3503 0.2215 -0.0144 -0.0285 -0.0070 269 HOH A O     
370 O O     . HOH B .  ? 0.4864 0.3979 0.4445 -0.0329 -0.0261 -0.0709 270 HOH A O     
371 O O     . HOH B .  ? 0.6692 0.5117 0.5630 0.0034  0.0189  0.0164  271 HOH A O     
372 O O     . HOH B .  ? 0.4781 0.3947 0.5736 0.0012  -0.0159 0.0209  272 HOH A O     
373 O O     . HOH B .  ? 0.3543 0.3576 0.3724 -0.0423 -0.0001 0.0724  273 HOH A O     
374 O O     . HOH B .  ? 0.6163 0.6143 0.5325 0.1452  0.1321  -0.0796 274 HOH A O     
375 O O     . HOH B .  ? 0.4972 0.4175 0.4974 -0.0518 -0.0110 0.0447  275 HOH A O     
376 O O     . HOH B .  ? 0.3117 0.4737 0.3282 0.0386  -0.0042 0.0037  276 HOH A O     
377 O O     . HOH B .  ? 0.3334 0.1599 0.4537 -0.0282 -0.0562 -0.0425 277 HOH A O     
378 O O     . HOH B .  ? 0.2322 0.4168 0.2893 0.0212  -0.0100 -0.0823 278 HOH A O     
379 O O     . HOH B .  ? 0.8217 0.8412 0.9305 0.0485  0.0509  -0.0017 279 HOH A O     
380 O O     . HOH B .  ? 0.2625 0.2042 0.1944 -0.0514 -0.0214 0.0060  280 HOH A O     
381 O O     . HOH B .  ? 0.2963 0.2820 0.3575 -0.0387 -0.0122 0.0033  281 HOH A O     
382 O O     . HOH B .  ? 0.4173 0.3796 0.4543 0.1229  0.0188  -0.0478 282 HOH A O     
# 
loop_
_pdbx_poly_seq_scheme.asym_id 
_pdbx_poly_seq_scheme.entity_id 
_pdbx_poly_seq_scheme.seq_id 
_pdbx_poly_seq_scheme.mon_id 
_pdbx_poly_seq_scheme.ndb_seq_num 
_pdbx_poly_seq_scheme.pdb_seq_num 
_pdbx_poly_seq_scheme.auth_seq_num 
_pdbx_poly_seq_scheme.pdb_mon_id 
_pdbx_poly_seq_scheme.auth_mon_id 
_pdbx_poly_seq_scheme.pdb_strand_id 
_pdbx_poly_seq_scheme.pdb_ins_code 
_pdbx_poly_seq_scheme.hetero 
A 1 1  C   1  101 101 C   C   A . n 
A 1 2  G   2  102 102 G   G   A . n 
A 1 3  C   3  103 103 C   C   A . n 
A 1 4  G   4  104 104 G   G   A . n 
A 1 5  A2M 5  105 105 A2M A2M A . n 
A 1 6  ADS 6  106 106 ADS AUS A . n 
A 1 7  U   7  107 107 U   U   A . n 
A 1 8  U   8  108 108 U   U   A . n 
A 1 9  A   9  109 109 A   A   A . n 
A 1 10 G   10 110 110 G   G   A . n 
A 1 11 C   11 111 111 C   C   A . n 
A 1 12 G   12 112 112 G   G   A . n 
# 
loop_
_pdbx_nonpoly_scheme.asym_id 
_pdbx_nonpoly_scheme.entity_id 
_pdbx_nonpoly_scheme.mon_id 
_pdbx_nonpoly_scheme.ndb_seq_num 
_pdbx_nonpoly_scheme.pdb_seq_num 
_pdbx_nonpoly_scheme.auth_seq_num 
_pdbx_nonpoly_scheme.pdb_mon_id 
_pdbx_nonpoly_scheme.auth_mon_id 
_pdbx_nonpoly_scheme.pdb_strand_id 
_pdbx_nonpoly_scheme.pdb_ins_code 
B 2 HOH 1  201 201 HOH HOH A . 
B 2 HOH 2  202 202 HOH HOH A . 
B 2 HOH 3  203 203 HOH HOH A . 
B 2 HOH 4  204 204 HOH HOH A . 
B 2 HOH 5  205 205 HOH HOH A . 
B 2 HOH 6  206 206 HOH HOH A . 
B 2 HOH 7  207 207 HOH HOH A . 
B 2 HOH 8  208 208 HOH HOH A . 
B 2 HOH 9  209 209 HOH HOH A . 
B 2 HOH 10 210 210 HOH HOH A . 
B 2 HOH 11 211 211 HOH HOH A . 
B 2 HOH 12 212 212 HOH HOH A . 
B 2 HOH 13 213 213 HOH HOH A . 
B 2 HOH 14 214 214 HOH HOH A . 
B 2 HOH 15 215 215 HOH HOH A . 
B 2 HOH 16 216 216 HOH HOH A . 
B 2 HOH 17 217 217 HOH HOH A . 
B 2 HOH 18 218 218 HOH HOH A . 
B 2 HOH 19 219 219 HOH HOH A . 
B 2 HOH 20 220 220 HOH HOH A . 
B 2 HOH 21 221 221 HOH HOH A . 
B 2 HOH 22 222 222 HOH HOH A . 
B 2 HOH 23 223 223 HOH HOH A . 
B 2 HOH 24 224 224 HOH HOH A . 
B 2 HOH 25 225 225 HOH HOH A . 
B 2 HOH 26 226 226 HOH HOH A . 
B 2 HOH 27 227 227 HOH HOH A . 
B 2 HOH 28 228 228 HOH HOH A . 
B 2 HOH 29 229 229 HOH HOH A . 
B 2 HOH 30 230 230 HOH HOH A . 
B 2 HOH 31 231 231 HOH HOH A . 
B 2 HOH 32 232 232 HOH HOH A . 
B 2 HOH 33 233 233 HOH HOH A . 
B 2 HOH 34 234 234 HOH HOH A . 
B 2 HOH 35 235 235 HOH HOH A . 
B 2 HOH 36 236 236 HOH HOH A . 
B 2 HOH 37 237 237 HOH HOH A . 
B 2 HOH 38 238 238 HOH HOH A . 
B 2 HOH 39 239 239 HOH HOH A . 
B 2 HOH 40 240 240 HOH HOH A . 
B 2 HOH 41 241 241 HOH HOH A . 
B 2 HOH 42 242 242 HOH HOH A . 
B 2 HOH 43 243 243 HOH HOH A . 
B 2 HOH 44 244 244 HOH HOH A . 
B 2 HOH 45 245 245 HOH HOH A . 
B 2 HOH 46 246 246 HOH HOH A . 
B 2 HOH 47 247 247 HOH HOH A . 
B 2 HOH 48 248 248 HOH HOH A . 
B 2 HOH 49 249 249 HOH HOH A . 
B 2 HOH 50 250 250 HOH HOH A . 
B 2 HOH 51 251 251 HOH HOH A . 
B 2 HOH 52 252 252 HOH HOH A . 
B 2 HOH 53 253 253 HOH HOH A . 
B 2 HOH 54 254 254 HOH HOH A . 
B 2 HOH 55 255 255 HOH HOH A . 
B 2 HOH 56 256 256 HOH HOH A . 
B 2 HOH 57 257 257 HOH HOH A . 
B 2 HOH 58 258 258 HOH HOH A . 
B 2 HOH 59 259 259 HOH HOH A . 
B 2 HOH 60 260 260 HOH HOH A . 
B 2 HOH 61 261 261 HOH HOH A . 
B 2 HOH 62 262 262 HOH HOH A . 
B 2 HOH 63 263 263 HOH HOH A . 
B 2 HOH 64 264 264 HOH HOH A . 
B 2 HOH 65 265 265 HOH HOH A . 
B 2 HOH 66 266 266 HOH HOH A . 
B 2 HOH 67 267 267 HOH HOH A . 
B 2 HOH 68 268 268 HOH HOH A . 
B 2 HOH 69 269 269 HOH HOH A . 
B 2 HOH 70 270 270 HOH HOH A . 
B 2 HOH 71 271 271 HOH HOH A . 
B 2 HOH 72 272 272 HOH HOH A . 
B 2 HOH 73 273 273 HOH HOH A . 
B 2 HOH 74 274 274 HOH HOH A . 
B 2 HOH 75 275 275 HOH HOH A . 
B 2 HOH 76 276 276 HOH HOH A . 
B 2 HOH 77 277 277 HOH HOH A . 
B 2 HOH 78 278 278 HOH HOH A . 
B 2 HOH 79 279 279 HOH HOH A . 
B 2 HOH 80 280 280 HOH HOH A . 
B 2 HOH 81 281 281 HOH HOH A . 
B 2 HOH 82 282 282 HOH HOH A . 
# 
_pdbx_struct_mod_residue.id               1 
_pdbx_struct_mod_residue.label_asym_id    A 
_pdbx_struct_mod_residue.label_comp_id    A2M 
_pdbx_struct_mod_residue.label_seq_id     5 
_pdbx_struct_mod_residue.auth_asym_id     A 
_pdbx_struct_mod_residue.auth_comp_id     A2M 
_pdbx_struct_mod_residue.auth_seq_id      105 
_pdbx_struct_mod_residue.PDB_ins_code     ? 
_pdbx_struct_mod_residue.parent_comp_id   A 
_pdbx_struct_mod_residue.details          ? 
# 
_pdbx_struct_assembly.id                   1 
_pdbx_struct_assembly.details              author_and_software_defined_assembly 
_pdbx_struct_assembly.method_details       PISA 
_pdbx_struct_assembly.oligomeric_details   dimeric 
_pdbx_struct_assembly.oligomeric_count     2 
# 
_pdbx_struct_assembly_gen.assembly_id       1 
_pdbx_struct_assembly_gen.oper_expression   1,2 
_pdbx_struct_assembly_gen.asym_id_list      A,B 
# 
loop_
_pdbx_struct_assembly_prop.biol_id 
_pdbx_struct_assembly_prop.type 
_pdbx_struct_assembly_prop.value 
_pdbx_struct_assembly_prop.details 
1 'ABSA (A^2)' 3070 ? 
1 MORE         8    ? 
1 'SSA (A^2)'  4160 ? 
# 
loop_
_pdbx_struct_oper_list.id 
_pdbx_struct_oper_list.type 
_pdbx_struct_oper_list.name 
_pdbx_struct_oper_list.symmetry_operation 
_pdbx_struct_oper_list.matrix[1][1] 
_pdbx_struct_oper_list.matrix[1][2] 
_pdbx_struct_oper_list.matrix[1][3] 
_pdbx_struct_oper_list.vector[1] 
_pdbx_struct_oper_list.matrix[2][1] 
_pdbx_struct_oper_list.matrix[2][2] 
_pdbx_struct_oper_list.matrix[2][3] 
_pdbx_struct_oper_list.vector[2] 
_pdbx_struct_oper_list.matrix[3][1] 
_pdbx_struct_oper_list.matrix[3][2] 
_pdbx_struct_oper_list.matrix[3][3] 
_pdbx_struct_oper_list.vector[3] 
1 'identity operation'         1_555 x,y,z       1.0000000000  0.0000000000 0.0000000000 0.0000000000  0.0000000000 1.0000000000 0.0000000000 0.0000000000 0.0000000000 0.0000000000 1.0000000000  0.0000000000  
2 'crystal symmetry operation' 2_656 -x+1,y,-z+1 -0.7951965186 0.5917998079 0.1320434936 -1.7686895271 0.5917998079 0.7100637656 0.3815526650 1.8303557427 0.1320434936 0.3815526650 -0.9148672470 -5.4600979163 
# 
loop_
_pdbx_struct_special_symmetry.id 
_pdbx_struct_special_symmetry.PDB_model_num 
_pdbx_struct_special_symmetry.auth_asym_id 
_pdbx_struct_special_symmetry.auth_comp_id 
_pdbx_struct_special_symmetry.auth_seq_id 
_pdbx_struct_special_symmetry.PDB_ins_code 
_pdbx_struct_special_symmetry.label_asym_id 
_pdbx_struct_special_symmetry.label_comp_id 
_pdbx_struct_special_symmetry.label_seq_id 
1 1 A HOH 220 ? B HOH . 
2 1 A HOH 262 ? B HOH . 
# 
loop_
_pdbx_audit_revision_history.ordinal 
_pdbx_audit_revision_history.data_content_type 
_pdbx_audit_revision_history.major_revision 
_pdbx_audit_revision_history.minor_revision 
_pdbx_audit_revision_history.revision_date 
1 'Structure model' 1 0 2015-09-16 
2 'Structure model' 1 1 2017-07-12 
3 'Structure model' 1 2 2023-09-20 
# 
_pdbx_audit_revision_details.ordinal             1 
_pdbx_audit_revision_details.revision_ordinal    1 
_pdbx_audit_revision_details.data_content_type   'Structure model' 
_pdbx_audit_revision_details.provider            repository 
_pdbx_audit_revision_details.type                'Initial release' 
_pdbx_audit_revision_details.description         ? 
_pdbx_audit_revision_details.details             ? 
# 
loop_
_pdbx_audit_revision_group.ordinal 
_pdbx_audit_revision_group.revision_ordinal 
_pdbx_audit_revision_group.data_content_type 
_pdbx_audit_revision_group.group 
1 2 'Structure model' 'Refinement description' 
2 3 'Structure model' 'Data collection'        
3 3 'Structure model' 'Database references'    
4 3 'Structure model' 'Derived calculations'   
5 3 'Structure model' 'Refinement description' 
# 
loop_
_pdbx_audit_revision_category.ordinal 
_pdbx_audit_revision_category.revision_ordinal 
_pdbx_audit_revision_category.data_content_type 
_pdbx_audit_revision_category.category 
1 2 'Structure model' pdbx_refine                   
2 3 'Structure model' chem_comp_atom                
3 3 'Structure model' chem_comp_bond                
4 3 'Structure model' database_2                    
5 3 'Structure model' pdbx_initial_refinement_model 
6 3 'Structure model' struct_conn                   
# 
loop_
_pdbx_audit_revision_item.ordinal 
_pdbx_audit_revision_item.revision_ordinal 
_pdbx_audit_revision_item.data_content_type 
_pdbx_audit_revision_item.item 
1 3 'Structure model' '_database_2.pdbx_DOI'                
2 3 'Structure model' '_database_2.pdbx_database_accession' 
3 3 'Structure model' '_struct_conn.pdbx_leaving_atom_flag' 
# 
loop_
_software.name 
_software.classification 
_software.version 
_software.citation_id 
_software.pdbx_ordinal 
MD2       'data collection' 'diffractometer software from EMBL (with LS-CAT developed extensions)' ? 1 
MOLREP    phasing           '(CCP4)'                                                               ? 2 
SHELXL-97 refinement        .                                                                      ? 3 
HKL-2000  'data reduction'  .                                                                      ? 4 
HKL-2000  'data scaling'    .                                                                      ? 5 
# 
loop_
_pdbx_validate_rmsd_angle.id 
_pdbx_validate_rmsd_angle.PDB_model_num 
_pdbx_validate_rmsd_angle.auth_atom_id_1 
_pdbx_validate_rmsd_angle.auth_asym_id_1 
_pdbx_validate_rmsd_angle.auth_comp_id_1 
_pdbx_validate_rmsd_angle.auth_seq_id_1 
_pdbx_validate_rmsd_angle.PDB_ins_code_1 
_pdbx_validate_rmsd_angle.label_alt_id_1 
_pdbx_validate_rmsd_angle.auth_atom_id_2 
_pdbx_validate_rmsd_angle.auth_asym_id_2 
_pdbx_validate_rmsd_angle.auth_comp_id_2 
_pdbx_validate_rmsd_angle.auth_seq_id_2 
_pdbx_validate_rmsd_angle.PDB_ins_code_2 
_pdbx_validate_rmsd_angle.label_alt_id_2 
_pdbx_validate_rmsd_angle.auth_atom_id_3 
_pdbx_validate_rmsd_angle.auth_asym_id_3 
_pdbx_validate_rmsd_angle.auth_comp_id_3 
_pdbx_validate_rmsd_angle.auth_seq_id_3 
_pdbx_validate_rmsd_angle.PDB_ins_code_3 
_pdbx_validate_rmsd_angle.label_alt_id_3 
_pdbx_validate_rmsd_angle.angle_value 
_pdbx_validate_rmsd_angle.angle_target_value 
_pdbx_validate_rmsd_angle.angle_deviation 
_pdbx_validate_rmsd_angle.angle_standard_deviation 
_pdbx_validate_rmsd_angle.linker_flag 
1 1 C8    A G 102 ? ? N9    A G 102 ? ? C4 A G 102 ? ? 108.83 106.40 2.43 0.40 N 
2 1 "O4'" A A 109 ? A "C1'" A A 109 ? A N9 A A 109 ? A 112.72 108.50 4.22 0.70 N 
# 
loop_
_chem_comp_atom.comp_id 
_chem_comp_atom.atom_id 
_chem_comp_atom.type_symbol 
_chem_comp_atom.pdbx_aromatic_flag 
_chem_comp_atom.pdbx_stereo_config 
_chem_comp_atom.pdbx_ordinal 
A   OP3    O N N 1   
A   P      P N N 2   
A   OP1    O N N 3   
A   OP2    O N N 4   
A   "O5'"  O N N 5   
A   "C5'"  C N N 6   
A   "C4'"  C N R 7   
A   "O4'"  O N N 8   
A   "C3'"  C N S 9   
A   "O3'"  O N N 10  
A   "C2'"  C N R 11  
A   "O2'"  O N N 12  
A   "C1'"  C N R 13  
A   N9     N Y N 14  
A   C8     C Y N 15  
A   N7     N Y N 16  
A   C5     C Y N 17  
A   C6     C Y N 18  
A   N6     N N N 19  
A   N1     N Y N 20  
A   C2     C Y N 21  
A   N3     N Y N 22  
A   C4     C Y N 23  
A   HOP3   H N N 24  
A   HOP2   H N N 25  
A   "H5'"  H N N 26  
A   "H5''" H N N 27  
A   "H4'"  H N N 28  
A   "H3'"  H N N 29  
A   "HO3'" H N N 30  
A   "H2'"  H N N 31  
A   "HO2'" H N N 32  
A   "H1'"  H N N 33  
A   H8     H N N 34  
A   H61    H N N 35  
A   H62    H N N 36  
A   H2     H N N 37  
A2M P      P N N 38  
A2M OP1    O N N 39  
A2M OP3    O N N 40  
A2M "O5'"  O N N 41  
A2M "C5'"  C N N 42  
A2M "C4'"  C N R 43  
A2M "O4'"  O N N 44  
A2M "C3'"  C N R 45  
A2M "O3'"  O N N 46  
A2M "C2'"  C N R 47  
A2M "O2'"  O N N 48  
A2M "C1'"  C N R 49  
A2M "CM'"  C N N 50  
A2M N9     N Y N 51  
A2M C8     C Y N 52  
A2M N7     N Y N 53  
A2M C5     C Y N 54  
A2M C6     C Y N 55  
A2M N6     N N N 56  
A2M N1     N Y N 57  
A2M C2     C Y N 58  
A2M N3     N Y N 59  
A2M C4     C Y N 60  
A2M HOP3   H N N 61  
A2M "H5'"  H N N 62  
A2M "H5''" H N N 63  
A2M "H4'"  H N N 64  
A2M "H3'"  H N N 65  
A2M "HO3'" H N N 66  
A2M "H2'"  H N N 67  
A2M "H1'"  H N N 68  
A2M "HM'1" H N N 69  
A2M "HM'2" H N N 70  
A2M "HM'3" H N N 71  
A2M H8     H N N 72  
A2M H61    H N N 73  
A2M H62    H N N 74  
A2M H2     H N N 75  
A2M OP2    O N N 76  
A2M HOP2   H N N 77  
ADS P      P N N 78  
ADS O1P    O N N 79  
ADS S2P    S N N 80  
ADS S3P    S N N 81  
ADS "O5'"  O N N 82  
ADS "C5'"  C N N 83  
ADS "C4'"  C N R 84  
ADS "O4'"  O N N 85  
ADS "C3'"  C N S 86  
ADS "O3'"  O N N 87  
ADS "C2'"  C N R 88  
ADS "O2'"  O N N 89  
ADS "C1'"  C N R 90  
ADS N9     N Y N 91  
ADS C8     C Y N 92  
ADS N7     N Y N 93  
ADS C5     C Y N 94  
ADS C6     C Y N 95  
ADS N6     N N N 96  
ADS N1     N Y N 97  
ADS C2     C Y N 98  
ADS N3     N Y N 99  
ADS C4     C Y N 100 
ADS HSP2   H N N 101 
ADS HSP3   H N N 102 
ADS "H5'1" H N N 103 
ADS "H5'2" H N N 104 
ADS "H4'"  H N N 105 
ADS "H3'"  H N N 106 
ADS "HO3'" H N N 107 
ADS "H2'"  H N N 108 
ADS "HO2'" H N N 109 
ADS "H1'"  H N N 110 
ADS H8     H N N 111 
ADS HN61   H N N 112 
ADS HN62   H N N 113 
ADS H2     H N N 114 
C   OP3    O N N 115 
C   P      P N N 116 
C   OP1    O N N 117 
C   OP2    O N N 118 
C   "O5'"  O N N 119 
C   "C5'"  C N N 120 
C   "C4'"  C N R 121 
C   "O4'"  O N N 122 
C   "C3'"  C N S 123 
C   "O3'"  O N N 124 
C   "C2'"  C N R 125 
C   "O2'"  O N N 126 
C   "C1'"  C N R 127 
C   N1     N N N 128 
C   C2     C N N 129 
C   O2     O N N 130 
C   N3     N N N 131 
C   C4     C N N 132 
C   N4     N N N 133 
C   C5     C N N 134 
C   C6     C N N 135 
C   HOP3   H N N 136 
C   HOP2   H N N 137 
C   "H5'"  H N N 138 
C   "H5''" H N N 139 
C   "H4'"  H N N 140 
C   "H3'"  H N N 141 
C   "HO3'" H N N 142 
C   "H2'"  H N N 143 
C   "HO2'" H N N 144 
C   "H1'"  H N N 145 
C   H41    H N N 146 
C   H42    H N N 147 
C   H5     H N N 148 
C   H6     H N N 149 
G   OP3    O N N 150 
G   P      P N N 151 
G   OP1    O N N 152 
G   OP2    O N N 153 
G   "O5'"  O N N 154 
G   "C5'"  C N N 155 
G   "C4'"  C N R 156 
G   "O4'"  O N N 157 
G   "C3'"  C N S 158 
G   "O3'"  O N N 159 
G   "C2'"  C N R 160 
G   "O2'"  O N N 161 
G   "C1'"  C N R 162 
G   N9     N Y N 163 
G   C8     C Y N 164 
G   N7     N Y N 165 
G   C5     C Y N 166 
G   C6     C N N 167 
G   O6     O N N 168 
G   N1     N N N 169 
G   C2     C N N 170 
G   N2     N N N 171 
G   N3     N N N 172 
G   C4     C Y N 173 
G   HOP3   H N N 174 
G   HOP2   H N N 175 
G   "H5'"  H N N 176 
G   "H5''" H N N 177 
G   "H4'"  H N N 178 
G   "H3'"  H N N 179 
G   "HO3'" H N N 180 
G   "H2'"  H N N 181 
G   "HO2'" H N N 182 
G   "H1'"  H N N 183 
G   H8     H N N 184 
G   H1     H N N 185 
G   H21    H N N 186 
G   H22    H N N 187 
HOH O      O N N 188 
HOH H1     H N N 189 
HOH H2     H N N 190 
U   OP3    O N N 191 
U   P      P N N 192 
U   OP1    O N N 193 
U   OP2    O N N 194 
U   "O5'"  O N N 195 
U   "C5'"  C N N 196 
U   "C4'"  C N R 197 
U   "O4'"  O N N 198 
U   "C3'"  C N S 199 
U   "O3'"  O N N 200 
U   "C2'"  C N R 201 
U   "O2'"  O N N 202 
U   "C1'"  C N R 203 
U   N1     N N N 204 
U   C2     C N N 205 
U   O2     O N N 206 
U   N3     N N N 207 
U   C4     C N N 208 
U   O4     O N N 209 
U   C5     C N N 210 
U   C6     C N N 211 
U   HOP3   H N N 212 
U   HOP2   H N N 213 
U   "H5'"  H N N 214 
U   "H5''" H N N 215 
U   "H4'"  H N N 216 
U   "H3'"  H N N 217 
U   "HO3'" H N N 218 
U   "H2'"  H N N 219 
U   "HO2'" H N N 220 
U   "H1'"  H N N 221 
U   H3     H N N 222 
U   H5     H N N 223 
U   H6     H N N 224 
# 
loop_
_chem_comp_bond.comp_id 
_chem_comp_bond.atom_id_1 
_chem_comp_bond.atom_id_2 
_chem_comp_bond.value_order 
_chem_comp_bond.pdbx_aromatic_flag 
_chem_comp_bond.pdbx_stereo_config 
_chem_comp_bond.pdbx_ordinal 
A   OP3   P      sing N N 1   
A   OP3   HOP3   sing N N 2   
A   P     OP1    doub N N 3   
A   P     OP2    sing N N 4   
A   P     "O5'"  sing N N 5   
A   OP2   HOP2   sing N N 6   
A   "O5'" "C5'"  sing N N 7   
A   "C5'" "C4'"  sing N N 8   
A   "C5'" "H5'"  sing N N 9   
A   "C5'" "H5''" sing N N 10  
A   "C4'" "O4'"  sing N N 11  
A   "C4'" "C3'"  sing N N 12  
A   "C4'" "H4'"  sing N N 13  
A   "O4'" "C1'"  sing N N 14  
A   "C3'" "O3'"  sing N N 15  
A   "C3'" "C2'"  sing N N 16  
A   "C3'" "H3'"  sing N N 17  
A   "O3'" "HO3'" sing N N 18  
A   "C2'" "O2'"  sing N N 19  
A   "C2'" "C1'"  sing N N 20  
A   "C2'" "H2'"  sing N N 21  
A   "O2'" "HO2'" sing N N 22  
A   "C1'" N9     sing N N 23  
A   "C1'" "H1'"  sing N N 24  
A   N9    C8     sing Y N 25  
A   N9    C4     sing Y N 26  
A   C8    N7     doub Y N 27  
A   C8    H8     sing N N 28  
A   N7    C5     sing Y N 29  
A   C5    C6     sing Y N 30  
A   C5    C4     doub Y N 31  
A   C6    N6     sing N N 32  
A   C6    N1     doub Y N 33  
A   N6    H61    sing N N 34  
A   N6    H62    sing N N 35  
A   N1    C2     sing Y N 36  
A   C2    N3     doub Y N 37  
A   C2    H2     sing N N 38  
A   N3    C4     sing Y N 39  
A2M P     OP1    doub N N 40  
A2M P     OP3    sing N N 41  
A2M P     "O5'"  sing N N 42  
A2M OP3   HOP3   sing N N 43  
A2M "O5'" "C5'"  sing N N 44  
A2M "C5'" "C4'"  sing N N 45  
A2M "C5'" "H5'"  sing N N 46  
A2M "C5'" "H5''" sing N N 47  
A2M "C4'" "O4'"  sing N N 48  
A2M "C4'" "C3'"  sing N N 49  
A2M "C4'" "H4'"  sing N N 50  
A2M "O4'" "C1'"  sing N N 51  
A2M "C3'" "O3'"  sing N N 52  
A2M "C3'" "C2'"  sing N N 53  
A2M "C3'" "H3'"  sing N N 54  
A2M "O3'" "HO3'" sing N N 55  
A2M "C2'" "O2'"  sing N N 56  
A2M "C2'" "C1'"  sing N N 57  
A2M "C2'" "H2'"  sing N N 58  
A2M "O2'" "CM'"  sing N N 59  
A2M "C1'" N9     sing N N 60  
A2M "C1'" "H1'"  sing N N 61  
A2M "CM'" "HM'1" sing N N 62  
A2M "CM'" "HM'2" sing N N 63  
A2M "CM'" "HM'3" sing N N 64  
A2M N9    C8     sing Y N 65  
A2M N9    C4     sing Y N 66  
A2M C8    N7     doub Y N 67  
A2M C8    H8     sing N N 68  
A2M N7    C5     sing Y N 69  
A2M C5    C6     sing Y N 70  
A2M C5    C4     doub Y N 71  
A2M C6    N6     sing N N 72  
A2M C6    N1     doub Y N 73  
A2M N6    H61    sing N N 74  
A2M N6    H62    sing N N 75  
A2M N1    C2     sing Y N 76  
A2M C2    N3     doub Y N 77  
A2M C2    H2     sing N N 78  
A2M N3    C4     sing Y N 79  
A2M P     OP2    sing N N 80  
A2M OP2   HOP2   sing N N 81  
ADS P     O1P    doub N N 82  
ADS P     S2P    sing N N 83  
ADS P     S3P    sing N N 84  
ADS P     "O5'"  sing N N 85  
ADS S2P   HSP2   sing N N 86  
ADS S3P   HSP3   sing N N 87  
ADS "O5'" "C5'"  sing N N 88  
ADS "C5'" "C4'"  sing N N 89  
ADS "C5'" "H5'1" sing N N 90  
ADS "C5'" "H5'2" sing N N 91  
ADS "C4'" "O4'"  sing N N 92  
ADS "C4'" "C3'"  sing N N 93  
ADS "C4'" "H4'"  sing N N 94  
ADS "O4'" "C1'"  sing N N 95  
ADS "C3'" "O3'"  sing N N 96  
ADS "C3'" "C2'"  sing N N 97  
ADS "C3'" "H3'"  sing N N 98  
ADS "O3'" "HO3'" sing N N 99  
ADS "C2'" "O2'"  sing N N 100 
ADS "C2'" "C1'"  sing N N 101 
ADS "C2'" "H2'"  sing N N 102 
ADS "O2'" "HO2'" sing N N 103 
ADS "C1'" N9     sing N N 104 
ADS "C1'" "H1'"  sing N N 105 
ADS N9    C8     sing Y N 106 
ADS N9    C4     sing Y N 107 
ADS C8    N7     doub Y N 108 
ADS C8    H8     sing N N 109 
ADS N7    C5     sing Y N 110 
ADS C5    C6     sing Y N 111 
ADS C5    C4     doub Y N 112 
ADS C6    N6     sing N N 113 
ADS C6    N1     doub Y N 114 
ADS N6    HN61   sing N N 115 
ADS N6    HN62   sing N N 116 
ADS N1    C2     sing Y N 117 
ADS C2    N3     doub Y N 118 
ADS C2    H2     sing N N 119 
ADS N3    C4     sing Y N 120 
C   OP3   P      sing N N 121 
C   OP3   HOP3   sing N N 122 
C   P     OP1    doub N N 123 
C   P     OP2    sing N N 124 
C   P     "O5'"  sing N N 125 
C   OP2   HOP2   sing N N 126 
C   "O5'" "C5'"  sing N N 127 
C   "C5'" "C4'"  sing N N 128 
C   "C5'" "H5'"  sing N N 129 
C   "C5'" "H5''" sing N N 130 
C   "C4'" "O4'"  sing N N 131 
C   "C4'" "C3'"  sing N N 132 
C   "C4'" "H4'"  sing N N 133 
C   "O4'" "C1'"  sing N N 134 
C   "C3'" "O3'"  sing N N 135 
C   "C3'" "C2'"  sing N N 136 
C   "C3'" "H3'"  sing N N 137 
C   "O3'" "HO3'" sing N N 138 
C   "C2'" "O2'"  sing N N 139 
C   "C2'" "C1'"  sing N N 140 
C   "C2'" "H2'"  sing N N 141 
C   "O2'" "HO2'" sing N N 142 
C   "C1'" N1     sing N N 143 
C   "C1'" "H1'"  sing N N 144 
C   N1    C2     sing N N 145 
C   N1    C6     sing N N 146 
C   C2    O2     doub N N 147 
C   C2    N3     sing N N 148 
C   N3    C4     doub N N 149 
C   C4    N4     sing N N 150 
C   C4    C5     sing N N 151 
C   N4    H41    sing N N 152 
C   N4    H42    sing N N 153 
C   C5    C6     doub N N 154 
C   C5    H5     sing N N 155 
C   C6    H6     sing N N 156 
G   OP3   P      sing N N 157 
G   OP3   HOP3   sing N N 158 
G   P     OP1    doub N N 159 
G   P     OP2    sing N N 160 
G   P     "O5'"  sing N N 161 
G   OP2   HOP2   sing N N 162 
G   "O5'" "C5'"  sing N N 163 
G   "C5'" "C4'"  sing N N 164 
G   "C5'" "H5'"  sing N N 165 
G   "C5'" "H5''" sing N N 166 
G   "C4'" "O4'"  sing N N 167 
G   "C4'" "C3'"  sing N N 168 
G   "C4'" "H4'"  sing N N 169 
G   "O4'" "C1'"  sing N N 170 
G   "C3'" "O3'"  sing N N 171 
G   "C3'" "C2'"  sing N N 172 
G   "C3'" "H3'"  sing N N 173 
G   "O3'" "HO3'" sing N N 174 
G   "C2'" "O2'"  sing N N 175 
G   "C2'" "C1'"  sing N N 176 
G   "C2'" "H2'"  sing N N 177 
G   "O2'" "HO2'" sing N N 178 
G   "C1'" N9     sing N N 179 
G   "C1'" "H1'"  sing N N 180 
G   N9    C8     sing Y N 181 
G   N9    C4     sing Y N 182 
G   C8    N7     doub Y N 183 
G   C8    H8     sing N N 184 
G   N7    C5     sing Y N 185 
G   C5    C6     sing N N 186 
G   C5    C4     doub Y N 187 
G   C6    O6     doub N N 188 
G   C6    N1     sing N N 189 
G   N1    C2     sing N N 190 
G   N1    H1     sing N N 191 
G   C2    N2     sing N N 192 
G   C2    N3     doub N N 193 
G   N2    H21    sing N N 194 
G   N2    H22    sing N N 195 
G   N3    C4     sing N N 196 
HOH O     H1     sing N N 197 
HOH O     H2     sing N N 198 
U   OP3   P      sing N N 199 
U   OP3   HOP3   sing N N 200 
U   P     OP1    doub N N 201 
U   P     OP2    sing N N 202 
U   P     "O5'"  sing N N 203 
U   OP2   HOP2   sing N N 204 
U   "O5'" "C5'"  sing N N 205 
U   "C5'" "C4'"  sing N N 206 
U   "C5'" "H5'"  sing N N 207 
U   "C5'" "H5''" sing N N 208 
U   "C4'" "O4'"  sing N N 209 
U   "C4'" "C3'"  sing N N 210 
U   "C4'" "H4'"  sing N N 211 
U   "O4'" "C1'"  sing N N 212 
U   "C3'" "O3'"  sing N N 213 
U   "C3'" "C2'"  sing N N 214 
U   "C3'" "H3'"  sing N N 215 
U   "O3'" "HO3'" sing N N 216 
U   "C2'" "O2'"  sing N N 217 
U   "C2'" "C1'"  sing N N 218 
U   "C2'" "H2'"  sing N N 219 
U   "O2'" "HO2'" sing N N 220 
U   "C1'" N1     sing N N 221 
U   "C1'" "H1'"  sing N N 222 
U   N1    C2     sing N N 223 
U   N1    C6     sing N N 224 
U   C2    O2     doub N N 225 
U   C2    N3     sing N N 226 
U   N3    C4     sing N N 227 
U   N3    H3     sing N N 228 
U   C4    O4     doub N N 229 
U   C4    C5     sing N N 230 
U   C5    C6     doub N N 231 
U   C5    H5     sing N N 232 
U   C6    H6     sing N N 233 
# 
loop_
_ndb_struct_conf_na.entry_id 
_ndb_struct_conf_na.feature 
4RBZ 'double helix'         
4RBZ 'a-form double helix'  
4RBZ 'mismatched base pair' 
4RBZ 'internal loop'        
# 
loop_
_ndb_struct_na_base_pair.model_number 
_ndb_struct_na_base_pair.i_label_asym_id 
_ndb_struct_na_base_pair.i_label_comp_id 
_ndb_struct_na_base_pair.i_label_seq_id 
_ndb_struct_na_base_pair.i_symmetry 
_ndb_struct_na_base_pair.j_label_asym_id 
_ndb_struct_na_base_pair.j_label_comp_id 
_ndb_struct_na_base_pair.j_label_seq_id 
_ndb_struct_na_base_pair.j_symmetry 
_ndb_struct_na_base_pair.shear 
_ndb_struct_na_base_pair.stretch 
_ndb_struct_na_base_pair.stagger 
_ndb_struct_na_base_pair.buckle 
_ndb_struct_na_base_pair.propeller 
_ndb_struct_na_base_pair.opening 
_ndb_struct_na_base_pair.pair_number 
_ndb_struct_na_base_pair.pair_name 
_ndb_struct_na_base_pair.i_auth_asym_id 
_ndb_struct_na_base_pair.i_auth_seq_id 
_ndb_struct_na_base_pair.i_PDB_ins_code 
_ndb_struct_na_base_pair.j_auth_asym_id 
_ndb_struct_na_base_pair.j_auth_seq_id 
_ndb_struct_na_base_pair.j_PDB_ins_code 
_ndb_struct_na_base_pair.hbond_type_28 
_ndb_struct_na_base_pair.hbond_type_12 
1 A C   1 1_555 A G 12 2_656 0.117  -0.120 -0.040 8.123  -15.710 0.069   1  A_C101:G112_A   A 101 ? A 112 ? 19 1 
1 A G   2 1_555 A C 11 2_656 -0.210 -0.133 0.034  -5.547 -18.337 0.782   2  A_G102:C111_A   A 102 ? A 111 ? 19 1 
1 A C   3 1_555 A G 10 2_656 0.102  -0.127 0.228  -3.929 -12.813 -2.897  3  A_C103:G110_A   A 103 ? A 110 ? 19 1 
1 A G   4 1_555 A A 9  2_656 -0.064 1.521  -0.302 3.237  -4.948  -18.757 4  A_G104:A109_A   A 104 ? A 109 ? 8  1 
1 A A2M 5 1_555 A U 8  2_656 0.230  -0.071 0.076  2.008  -12.172 -4.614  5  A_A2M105:U108_A A 105 ? A 108 ? 20 1 
1 A C   1 1_555 A G 12 1_555 0.117  -0.120 -0.040 8.123  -15.710 0.069   6  A_C101:G112_A   A 101 ? A 112 ? 19 1 
1 A G   2 1_555 A C 11 1_555 -0.210 -0.133 0.034  -5.547 -18.337 0.783   7  A_G102:C111_A   A 102 ? A 111 ? 19 1 
1 A C   3 1_555 A G 10 1_555 0.102  -0.127 0.228  -3.929 -12.813 -2.897  8  A_C103:G110_A   A 103 ? A 110 ? 19 1 
1 A G   4 1_555 A A 9  1_555 -0.064 1.521  -0.302 3.237  -4.948  -18.757 9  A_G104:A109_A   A 104 ? A 109 ? 8  1 
1 A A2M 5 1_555 A U 8  1_555 0.230  -0.071 0.076  2.008  -12.172 -4.614  10 A_A2M105:U108_A A 105 ? A 108 ? 20 1 
# 
loop_
_ndb_struct_na_base_pair_step.model_number 
_ndb_struct_na_base_pair_step.i_label_asym_id_1 
_ndb_struct_na_base_pair_step.i_label_comp_id_1 
_ndb_struct_na_base_pair_step.i_label_seq_id_1 
_ndb_struct_na_base_pair_step.i_symmetry_1 
_ndb_struct_na_base_pair_step.j_label_asym_id_1 
_ndb_struct_na_base_pair_step.j_label_comp_id_1 
_ndb_struct_na_base_pair_step.j_label_seq_id_1 
_ndb_struct_na_base_pair_step.j_symmetry_1 
_ndb_struct_na_base_pair_step.i_label_asym_id_2 
_ndb_struct_na_base_pair_step.i_label_comp_id_2 
_ndb_struct_na_base_pair_step.i_label_seq_id_2 
_ndb_struct_na_base_pair_step.i_symmetry_2 
_ndb_struct_na_base_pair_step.j_label_asym_id_2 
_ndb_struct_na_base_pair_step.j_label_comp_id_2 
_ndb_struct_na_base_pair_step.j_label_seq_id_2 
_ndb_struct_na_base_pair_step.j_symmetry_2 
_ndb_struct_na_base_pair_step.shift 
_ndb_struct_na_base_pair_step.slide 
_ndb_struct_na_base_pair_step.rise 
_ndb_struct_na_base_pair_step.tilt 
_ndb_struct_na_base_pair_step.roll 
_ndb_struct_na_base_pair_step.twist 
_ndb_struct_na_base_pair_step.x_displacement 
_ndb_struct_na_base_pair_step.y_displacement 
_ndb_struct_na_base_pair_step.helical_rise 
_ndb_struct_na_base_pair_step.inclination 
_ndb_struct_na_base_pair_step.tip 
_ndb_struct_na_base_pair_step.helical_twist 
_ndb_struct_na_base_pair_step.step_number 
_ndb_struct_na_base_pair_step.step_name 
_ndb_struct_na_base_pair_step.i_auth_asym_id_1 
_ndb_struct_na_base_pair_step.i_auth_seq_id_1 
_ndb_struct_na_base_pair_step.i_PDB_ins_code_1 
_ndb_struct_na_base_pair_step.j_auth_asym_id_1 
_ndb_struct_na_base_pair_step.j_auth_seq_id_1 
_ndb_struct_na_base_pair_step.j_PDB_ins_code_1 
_ndb_struct_na_base_pair_step.i_auth_asym_id_2 
_ndb_struct_na_base_pair_step.i_auth_seq_id_2 
_ndb_struct_na_base_pair_step.i_PDB_ins_code_2 
_ndb_struct_na_base_pair_step.j_auth_asym_id_2 
_ndb_struct_na_base_pair_step.j_auth_seq_id_2 
_ndb_struct_na_base_pair_step.j_PDB_ins_code_2 
1 A C 1 1_555 A G 12 2_656 A G   2 1_555 A C 11 2_656 -0.415 -1.746 3.441 -3.020 13.270 32.253 -4.832 0.254  2.573 22.669 5.159  
34.936 1 AA_C101G102:C111G112_AA   A 101 ? A 112 ? A 102 ? A 111 ? 
1 A G 2 1_555 A C 11 2_656 A C   3 1_555 A G 10 2_656 -0.537 -1.305 3.187 -2.130 4.552  34.941 -2.796 0.585  3.025 7.533  3.525  
35.290 2 AA_G102C103:G110C111_AA   A 102 ? A 111 ? A 103 ? A 110 ? 
1 A C 3 1_555 A G 10 2_656 A G   4 1_555 A A 9  2_656 -0.959 -1.275 3.135 2.757  8.300  27.668 -4.176 2.457  2.548 16.831 -5.590 
28.992 3 AA_C103G104:A109G110_AA   A 103 ? A 110 ? A 104 ? A 109 ? 
1 A G 4 1_555 A A 9  2_656 A A2M 5 1_555 A U 8  2_656 0.441  -1.351 3.252 -2.625 11.660 31.705 -4.053 -1.147 2.566 20.455 4.605  
33.829 4 AA_G104A2M105:U108A109_AA A 104 ? A 109 ? A 105 ? A 108 ? 
1 A C 1 1_555 A G 12 1_555 A G   2 1_555 A C 11 1_555 -0.415 -1.746 3.441 -3.020 13.270 32.253 -4.832 0.254  2.573 22.669 5.159  
34.936 5 AA_C101G102:C111G112_AA   A 101 ? A 112 ? A 102 ? A 111 ? 
1 A G 2 1_555 A C 11 1_555 A C   3 1_555 A G 10 1_555 -0.537 -1.305 3.187 -2.130 4.552  34.941 -2.796 0.585  3.025 7.533  3.525  
35.290 6 AA_G102C103:G110C111_AA   A 102 ? A 111 ? A 103 ? A 110 ? 
1 A C 3 1_555 A G 10 1_555 A G   4 1_555 A A 9  1_555 -0.959 -1.275 3.135 2.757  8.300  27.668 -4.176 2.457  2.548 16.831 -5.590 
28.992 7 AA_C103G104:A109G110_AA   A 103 ? A 110 ? A 104 ? A 109 ? 
1 A G 4 1_555 A A 9  1_555 A A2M 5 1_555 A U 8  1_555 0.441  -1.351 3.252 -2.625 11.660 31.705 -4.053 -1.147 2.566 20.455 4.605  
33.829 8 AA_G104A2M105:U108A109_AA A 104 ? A 109 ? A 105 ? A 108 ? 
# 
_pdbx_entity_nonpoly.entity_id   2 
_pdbx_entity_nonpoly.name        water 
_pdbx_entity_nonpoly.comp_id     HOH 
# 
_pdbx_initial_refinement_model.id               1 
_pdbx_initial_refinement_model.entity_id_list   ? 
_pdbx_initial_refinement_model.type             'experimental model' 
_pdbx_initial_refinement_model.source_name      PDB 
_pdbx_initial_refinement_model.accession_code   2Q1R 
_pdbx_initial_refinement_model.details          'PDB ENTRY 2Q1R' 
# 
